data_1IK3
#
_entry.id   1IK3
#
_cell.length_a   112.650
_cell.length_b   137.280
_cell.length_c   61.890
_cell.angle_alpha   90.00
_cell.angle_beta   95.56
_cell.angle_gamma   90.00
#
_symmetry.space_group_name_H-M   'C 1 2 1'
#
loop_
_entity.id
_entity.type
_entity.pdbx_description
1 polymer LIPOXYGENASE-3
2 non-polymer 'FE (III) ION'
3 non-polymer '13(S)-HYDROPEROXY-9(Z),11(E)-OCTADECADIENOIC ACID'
4 non-polymer '13(R)-HYDROPEROXY-9(Z),11(E)-OCTADECADIENOIC ACID'
5 non-polymer '(TRANS-12,13-EPOXY)-9-HYDROXY-10(E)-OCTADECENOIC ACID'
6 non-polymer '(TRANS-12,13-EPOXY)-11-HYDROXY-9(Z)-OCTADECENOIC ACID'
7 water water
#
_entity_poly.entity_id   1
_entity_poly.type   'polypeptide(L)'
_entity_poly.pdbx_seq_one_letter_code
;MLGGLLHRGHKIKGTVVLMRKNVLDVNSVTSVGGIIGQGLDLVGSTLDTLTAFLGRSVSLQLISATKADANGKGKLGKAT
FLEGIITSLPTLGAGQSAFKINFEWDDGSGIPGAFYIKNFMQTEFFLVSLTLEDIPNHGSIHFVCNSWIYNAKLFKSDRI
FFANQTYLPSETPAPLVKYREEELHNLRGDGTGERKEWERIYDYDVYNDLGDPDKGENHARPVLGGNDTFPYPRRGRTGR
KPTRKDPNSESRSNDVYLPRDEAFGHLKSSDFLTYGLKSVSQNVLPLLQSAFDLNFTPREFDSFDEVHGLYSGGIKLPTD
IISKISPLPVLKEIFRTDGEQALKFPPPKVIQVSKSAWMTDEEFAREMLAGVNPNLIRCLKDFPPRSKLDSQVYGDHTSQ
ITKEHLEPNLEGLTVDEAIQNKRLFLLDHHDPIMPYLRRINATSTKAYATRTILFLKNDGTLRPLAIELSLPHPQGDQSG
AFSQVFLPADEGVESSIWLLAKAYVVVNDSCYHQLVSHWLNTHAVVEPFIIATNRHLSVVHPIYKLLHPHYRDTMNINGL
ARLSLVNDGGVIEQTFLWGRYSVEMSAVVYKDWVFTDQALPADLIKRGMAIEDPSCPHGIRLVIEDYPYTVDGLEIWDAI
KTWVHEYVFLYYKSDDTLREDPELQACWKELVEVGHGDKKNEPWWPKMQTREELVEACAIIIWTASALHAAVNFGQYPYG
GLILNRPTLSRRFMPEKGSAEYEELRKNPQKAYLKTITPKFQTLIDLSVIEILSRHASDEVYLGERDNPNWTSDTRALEA
FKRFGNKLAQIENKLSERNNDEKLRNRCGPVQMPYTLLLPSSKEGLTFRGIPNSISI
;
_entity_poly.pdbx_strand_id   A
#
loop_
_chem_comp.id
_chem_comp.type
_chem_comp.name
_chem_comp.formula
11O non-polymer '(TRANS-12,13-EPOXY)-11-HYDROXY-9(Z)-OCTADECENOIC ACID' 'C18 H32 O4'
13R non-polymer '13(R)-HYDROPEROXY-9(Z),11(E)-OCTADECADIENOIC ACID' 'C18 H32 O4'
13S non-polymer '13(S)-HYDROPEROXY-9(Z),11(E)-OCTADECADIENOIC ACID' 'C18 H32 O4'
9OH non-polymer '(TRANS-12,13-EPOXY)-9-HYDROXY-10(E)-OCTADECENOIC ACID' 'C18 H32 O4'
FE non-polymer 'FE (III) ION' 'Fe 3'
#
# COMPACT_ATOMS: atom_id res chain seq x y z
N GLY A 9 25.40 37.27 30.19
CA GLY A 9 24.19 36.80 29.46
C GLY A 9 24.52 36.32 28.06
N HIS A 10 23.61 36.55 27.12
CA HIS A 10 23.82 36.14 25.74
C HIS A 10 22.56 36.31 24.88
N LYS A 11 22.71 35.94 23.61
CA LYS A 11 21.63 36.02 22.64
C LYS A 11 21.87 34.89 21.65
N ILE A 12 21.08 33.83 21.77
CA ILE A 12 21.18 32.66 20.88
C ILE A 12 20.56 32.97 19.53
N LYS A 13 21.34 32.77 18.48
CA LYS A 13 20.88 33.03 17.12
C LYS A 13 20.04 31.86 16.62
N GLY A 14 18.87 32.18 16.08
CA GLY A 14 17.99 31.16 15.57
C GLY A 14 17.64 31.36 14.11
N THR A 15 17.49 30.26 13.40
CA THR A 15 17.12 30.31 12.00
C THR A 15 15.87 29.44 11.89
N VAL A 16 14.78 30.03 11.43
CA VAL A 16 13.52 29.30 11.27
C VAL A 16 13.27 29.06 9.80
N VAL A 17 12.93 27.83 9.46
CA VAL A 17 12.62 27.52 8.06
C VAL A 17 11.19 26.98 7.98
N LEU A 18 10.36 27.63 7.15
CA LEU A 18 8.99 27.18 6.98
C LEU A 18 8.54 27.37 5.55
N MET A 19 7.35 26.89 5.24
CA MET A 19 6.83 27.06 3.90
C MET A 19 5.42 27.60 4.08
N ARG A 20 5.02 28.53 3.21
CA ARG A 20 3.69 29.12 3.27
C ARG A 20 2.71 28.11 2.68
N LYS A 21 1.47 28.14 3.17
CA LYS A 21 0.41 27.24 2.73
C LYS A 21 0.23 27.12 1.21
N ASN A 22 0.19 28.26 0.53
CA ASN A 22 -0.02 28.25 -0.91
C ASN A 22 1.18 27.76 -1.70
N VAL A 23 2.04 26.99 -1.05
CA VAL A 23 3.22 26.42 -1.69
C VAL A 23 3.05 24.90 -1.69
N LEU A 24 2.15 24.43 -0.82
CA LEU A 24 1.89 23.01 -0.70
C LEU A 24 0.43 22.65 -0.96
N ASP A 25 -0.46 23.64 -0.90
CA ASP A 25 -1.90 23.43 -1.10
C ASP A 25 -2.25 23.11 -2.54
N VAL A 26 -3.05 22.06 -2.73
CA VAL A 26 -3.44 21.64 -4.07
C VAL A 26 -4.19 22.74 -4.84
N ASN A 27 -4.95 23.55 -4.12
CA ASN A 27 -5.70 24.63 -4.77
C ASN A 27 -4.75 25.63 -5.40
N SER A 28 -3.66 25.92 -4.71
CA SER A 28 -2.66 26.87 -5.19
C SER A 28 -1.75 26.28 -6.25
N VAL A 29 -1.14 25.14 -5.94
CA VAL A 29 -0.24 24.46 -6.85
C VAL A 29 -0.87 24.17 -8.21
N THR A 30 -2.16 24.44 -8.34
CA THR A 30 -2.86 24.21 -9.60
C THR A 30 -2.02 24.68 -10.78
N SER A 31 -1.22 25.72 -10.55
CA SER A 31 -0.36 26.29 -11.59
C SER A 31 1.06 25.71 -11.60
N VAL A 32 1.61 25.43 -10.42
CA VAL A 32 2.96 24.87 -10.30
C VAL A 32 3.01 23.38 -10.63
N THR A 46 11.73 38.41 -2.92
CA THR A 46 10.87 39.15 -3.89
C THR A 46 9.40 38.91 -3.57
N LEU A 47 8.54 39.84 -4.03
CA LEU A 47 7.09 39.74 -3.82
C LEU A 47 6.79 39.83 -2.31
N ASP A 48 7.76 39.41 -1.52
CA ASP A 48 7.70 39.40 -0.07
C ASP A 48 6.35 39.43 0.62
N THR A 49 5.76 38.25 0.76
CA THR A 49 4.50 38.07 1.45
C THR A 49 4.99 37.80 2.86
N LEU A 50 6.27 37.47 2.94
CA LEU A 50 6.97 37.14 4.17
C LEU A 50 6.99 38.29 5.15
N THR A 51 6.55 39.46 4.72
CA THR A 51 6.52 40.63 5.59
C THR A 51 5.38 40.48 6.61
N ALA A 52 4.44 39.58 6.31
CA ALA A 52 3.32 39.34 7.20
C ALA A 52 3.80 38.59 8.44
N PHE A 53 4.92 37.89 8.29
CA PHE A 53 5.49 37.12 9.38
C PHE A 53 6.39 37.96 10.29
N LEU A 54 6.51 39.24 9.98
CA LEU A 54 7.41 40.12 10.72
C LEU A 54 6.85 40.92 11.90
N GLY A 55 5.57 41.26 11.87
CA GLY A 55 5.02 42.02 12.97
C GLY A 55 5.04 41.19 14.25
N ARG A 56 3.86 40.96 14.80
CA ARG A 56 3.73 40.13 16.01
C ARG A 56 2.83 38.96 15.60
N SER A 57 3.27 38.24 14.57
CA SER A 57 2.54 37.12 13.99
C SER A 57 2.93 35.73 14.45
N VAL A 58 4.20 35.54 14.76
CA VAL A 58 4.66 34.23 15.19
C VAL A 58 5.67 34.37 16.33
N SER A 59 5.42 33.68 17.43
CA SER A 59 6.30 33.72 18.58
C SER A 59 6.81 32.34 18.96
N LEU A 60 8.09 32.25 19.33
CA LEU A 60 8.70 31.00 19.74
C LEU A 60 9.14 31.17 21.20
N GLN A 61 9.19 30.06 21.93
CA GLN A 61 9.59 30.12 23.32
C GLN A 61 10.39 28.89 23.72
N LEU A 62 11.67 29.10 23.95
CA LEU A 62 12.58 28.01 24.32
C LEU A 62 12.23 27.41 25.66
N ILE A 63 12.49 26.11 25.78
CA ILE A 63 12.25 25.37 27.01
C ILE A 63 13.60 24.77 27.38
N SER A 64 14.03 24.96 28.62
CA SER A 64 15.32 24.43 29.06
C SER A 64 15.30 22.91 29.17
N ALA A 65 16.39 22.27 28.76
CA ALA A 65 16.51 20.82 28.85
C ALA A 65 17.28 20.40 30.10
N THR A 66 17.92 21.36 30.76
CA THR A 66 18.70 21.04 31.96
C THR A 66 18.31 21.81 33.22
N LYS A 67 17.61 22.92 33.08
CA LYS A 67 17.19 23.70 34.25
C LYS A 67 15.69 23.57 34.55
N ALA A 68 15.37 22.79 35.58
CA ALA A 68 14.00 22.54 35.99
C ALA A 68 13.43 23.60 36.93
N ASP A 69 12.23 24.09 36.60
CA ASP A 69 11.58 25.11 37.41
C ASP A 69 11.06 24.53 38.73
N ALA A 70 10.06 25.20 39.30
CA ALA A 70 9.46 24.79 40.58
C ALA A 70 9.46 23.28 40.74
N ASN A 71 8.66 22.59 39.94
CA ASN A 71 8.59 21.13 40.02
C ASN A 71 8.80 20.45 38.68
N GLY A 72 9.94 19.78 38.56
CA GLY A 72 10.27 19.06 37.34
C GLY A 72 10.30 19.84 36.04
N LYS A 73 9.13 20.28 35.57
CA LYS A 73 9.00 21.00 34.31
C LYS A 73 10.08 22.02 33.98
N GLY A 74 10.70 21.84 32.82
CA GLY A 74 11.76 22.73 32.37
C GLY A 74 11.38 24.19 32.39
N LYS A 75 12.39 25.05 32.35
CA LYS A 75 12.21 26.50 32.38
C LYS A 75 12.06 27.12 31.00
N LEU A 76 10.99 27.90 30.82
CA LEU A 76 10.72 28.56 29.54
C LEU A 76 11.50 29.87 29.43
N GLY A 77 11.70 30.33 28.20
CA GLY A 77 12.41 31.58 27.98
C GLY A 77 11.41 32.68 27.64
N LYS A 78 11.91 33.85 27.26
CA LYS A 78 11.01 34.95 26.92
C LYS A 78 10.40 34.64 25.55
N ALA A 79 9.20 35.13 25.31
CA ALA A 79 8.53 34.92 24.03
C ALA A 79 9.19 35.84 23.02
N THR A 80 9.77 35.25 21.99
CA THR A 80 10.43 36.02 20.95
C THR A 80 9.65 35.95 19.64
N PHE A 81 9.43 37.10 19.00
CA PHE A 81 8.73 37.13 17.73
C PHE A 81 9.77 37.15 16.60
N LEU A 82 9.35 36.81 15.39
CA LEU A 82 10.25 36.76 14.25
C LEU A 82 10.63 38.15 13.76
N GLU A 83 11.92 38.37 13.55
CA GLU A 83 12.39 39.65 13.04
C GLU A 83 13.45 39.47 11.97
N GLY A 84 13.05 39.64 10.72
CA GLY A 84 14.00 39.53 9.64
C GLY A 84 13.91 38.29 8.77
N ILE A 85 13.96 38.52 7.47
CA ILE A 85 13.93 37.46 6.48
C ILE A 85 15.37 37.21 6.12
N ILE A 86 15.72 35.95 5.94
CA ILE A 86 17.08 35.64 5.54
C ILE A 86 16.86 35.23 4.10
N THR A 87 17.18 36.15 3.20
CA THR A 87 16.99 35.94 1.76
C THR A 87 17.67 34.73 1.15
N SER A 88 18.72 34.22 1.79
CA SER A 88 19.41 33.08 1.23
C SER A 88 20.26 32.29 2.20
N LEU A 89 20.27 30.98 1.99
CA LEU A 89 21.06 30.07 2.79
C LEU A 89 21.62 29.08 1.76
N PRO A 90 22.87 28.64 1.96
CA PRO A 90 23.40 27.70 0.97
C PRO A 90 22.57 26.42 0.88
N THR A 91 21.84 26.13 1.96
CA THR A 91 21.05 24.92 2.04
C THR A 91 19.53 25.08 2.05
N LEU A 92 19.06 26.25 1.62
CA LEU A 92 17.63 26.52 1.61
C LEU A 92 16.84 25.42 0.90
N GLY A 93 16.13 25.75 -0.17
CA GLY A 93 15.36 24.74 -0.86
C GLY A 93 14.14 25.35 -1.52
N ALA A 94 13.40 24.53 -2.27
CA ALA A 94 12.21 25.01 -2.98
C ALA A 94 10.98 25.21 -2.10
N GLY A 95 10.28 26.31 -2.35
CA GLY A 95 9.08 26.64 -1.61
C GLY A 95 9.33 27.01 -0.16
N GLN A 96 10.59 26.96 0.27
CA GLN A 96 10.93 27.27 1.65
C GLN A 96 11.22 28.75 1.91
N SER A 97 11.03 29.16 3.17
CA SER A 97 11.25 30.53 3.61
C SER A 97 12.01 30.53 4.92
N ALA A 98 13.05 31.37 5.02
CA ALA A 98 13.86 31.45 6.23
C ALA A 98 13.69 32.78 6.97
N PHE A 99 13.82 32.72 8.31
CA PHE A 99 13.67 33.89 9.18
C PHE A 99 14.65 33.85 10.33
N LYS A 100 15.16 35.02 10.73
CA LYS A 100 16.08 35.10 11.86
C LYS A 100 15.30 35.51 13.11
N ILE A 101 15.74 35.03 14.25
CA ILE A 101 15.09 35.33 15.52
C ILE A 101 16.05 34.98 16.64
N ASN A 102 16.59 36.00 17.29
CA ASN A 102 17.53 35.80 18.39
C ASN A 102 16.77 35.70 19.70
N PHE A 103 17.13 34.73 20.52
CA PHE A 103 16.46 34.53 21.80
C PHE A 103 17.37 34.97 22.93
N GLU A 104 16.81 35.65 23.92
CA GLU A 104 17.59 36.09 25.07
C GLU A 104 17.80 34.87 25.97
N TRP A 105 19.06 34.47 26.14
CA TRP A 105 19.38 33.33 27.00
C TRP A 105 20.62 33.74 27.80
N ASP A 106 21.06 32.88 28.72
CA ASP A 106 22.22 33.20 29.55
C ASP A 106 22.72 31.96 30.29
N ASP A 107 24.00 31.96 30.68
CA ASP A 107 24.55 30.83 31.40
C ASP A 107 23.74 30.68 32.68
N GLY A 108 23.15 29.50 32.87
CA GLY A 108 22.32 29.27 34.03
C GLY A 108 20.93 28.88 33.60
N SER A 109 20.54 29.33 32.40
CA SER A 109 19.23 29.02 31.84
C SER A 109 19.28 27.67 31.14
N GLY A 110 20.35 26.92 31.39
CA GLY A 110 20.51 25.61 30.79
C GLY A 110 20.61 25.64 29.29
N ILE A 111 20.42 24.46 28.70
CA ILE A 111 20.48 24.30 27.26
C ILE A 111 19.08 24.09 26.71
N PRO A 112 18.73 24.77 25.60
CA PRO A 112 17.39 24.60 25.02
C PRO A 112 17.21 23.16 24.54
N GLY A 113 16.08 22.57 24.89
CA GLY A 113 15.83 21.18 24.49
C GLY A 113 14.54 20.98 23.72
N ALA A 114 13.68 22.00 23.77
CA ALA A 114 12.39 21.98 23.08
C ALA A 114 11.97 23.43 22.95
N PHE A 115 10.75 23.67 22.49
CA PHE A 115 10.27 25.04 22.36
C PHE A 115 8.81 25.06 21.98
N TYR A 116 8.12 26.17 22.25
CA TYR A 116 6.71 26.33 21.92
C TYR A 116 6.61 27.33 20.78
N ILE A 117 5.62 27.14 19.91
CA ILE A 117 5.41 28.08 18.81
C ILE A 117 3.95 28.53 18.82
N LYS A 118 3.73 29.81 18.53
CA LYS A 118 2.39 30.35 18.50
C LYS A 118 2.16 31.06 17.19
N ASN A 119 1.15 30.62 16.45
CA ASN A 119 0.80 31.24 15.19
C ASN A 119 -0.43 32.13 15.39
N PHE A 120 -0.28 33.42 15.11
CA PHE A 120 -1.37 34.39 15.26
C PHE A 120 -1.84 34.81 13.88
N MET A 121 -1.22 34.24 12.86
CA MET A 121 -1.51 34.58 11.48
C MET A 121 -2.86 34.28 10.85
N GLN A 122 -3.69 33.46 11.47
CA GLN A 122 -5.00 33.13 10.87
C GLN A 122 -4.82 32.06 9.77
N THR A 123 -3.85 32.29 8.89
CA THR A 123 -3.56 31.31 7.83
C THR A 123 -2.46 30.42 8.41
N GLU A 124 -2.61 29.10 8.25
CA GLU A 124 -1.63 28.17 8.80
C GLU A 124 -0.38 28.04 7.92
N PHE A 125 0.72 27.60 8.53
CA PHE A 125 1.94 27.43 7.78
C PHE A 125 2.63 26.14 8.17
N PHE A 126 3.45 25.63 7.26
CA PHE A 126 4.19 24.40 7.50
C PHE A 126 5.58 24.77 8.00
N LEU A 127 5.84 24.44 9.26
CA LEU A 127 7.14 24.73 9.84
C LEU A 127 8.05 23.56 9.52
N VAL A 128 9.19 23.85 8.91
CA VAL A 128 10.12 22.78 8.57
C VAL A 128 11.13 22.56 9.69
N SER A 129 11.84 23.60 10.13
CA SER A 129 12.87 23.43 11.17
C SER A 129 13.34 24.70 11.90
N LEU A 130 14.18 24.46 12.91
CA LEU A 130 14.79 25.53 13.70
C LEU A 130 16.22 25.14 14.09
N THR A 131 17.17 26.03 13.81
CA THR A 131 18.56 25.78 14.14
C THR A 131 19.00 26.84 15.15
N LEU A 132 19.85 26.45 16.09
CA LEU A 132 20.32 27.37 17.11
C LEU A 132 21.83 27.47 17.26
N GLU A 133 22.38 28.65 17.00
CA GLU A 133 23.81 28.88 17.15
C GLU A 133 23.96 29.19 18.64
N ASP A 134 24.03 28.13 19.44
CA ASP A 134 24.12 28.19 20.90
C ASP A 134 24.99 29.27 21.57
N ILE A 135 25.37 28.99 22.82
CA ILE A 135 26.20 29.88 23.63
C ILE A 135 27.28 29.13 24.42
N PRO A 136 26.90 28.25 25.36
CA PRO A 136 27.99 27.58 26.07
C PRO A 136 28.69 26.58 25.16
N ASN A 137 29.71 25.92 25.69
CA ASN A 137 30.45 24.93 24.90
C ASN A 137 29.41 23.96 24.38
N HIS A 138 28.88 24.27 23.19
CA HIS A 138 27.86 23.45 22.57
C HIS A 138 27.75 23.82 21.10
N GLY A 139 27.56 22.82 20.26
CA GLY A 139 27.42 23.05 18.83
C GLY A 139 25.99 23.41 18.49
N SER A 140 25.75 23.77 17.24
CA SER A 140 24.41 24.12 16.80
C SER A 140 23.45 23.04 17.25
N ILE A 141 22.23 23.43 17.59
CA ILE A 141 21.22 22.47 17.99
C ILE A 141 20.17 22.49 16.89
N HIS A 142 19.81 21.32 16.35
CA HIS A 142 18.82 21.30 15.30
C HIS A 142 17.50 20.70 15.72
N PHE A 143 16.42 21.23 15.15
CA PHE A 143 15.06 20.77 15.39
C PHE A 143 14.45 20.50 14.04
N VAL A 144 14.05 19.26 13.77
CA VAL A 144 13.41 18.96 12.49
C VAL A 144 11.94 18.93 12.85
N CYS A 145 11.16 19.84 12.27
CA CYS A 145 9.75 19.91 12.63
C CYS A 145 8.76 19.25 11.70
N ASN A 146 8.66 19.76 10.47
CA ASN A 146 7.76 19.22 9.46
C ASN A 146 6.32 19.10 9.96
N SER A 147 5.76 20.20 10.44
CA SER A 147 4.41 20.16 10.95
C SER A 147 3.64 21.38 10.57
N TRP A 148 2.31 21.25 10.51
CA TRP A 148 1.45 22.37 10.15
C TRP A 148 1.10 23.06 11.46
N ILE A 149 1.30 24.37 11.49
CA ILE A 149 1.00 25.17 12.67
C ILE A 149 -0.21 26.03 12.39
N TYR A 150 -1.34 25.65 12.97
CA TYR A 150 -2.57 26.42 12.78
C TYR A 150 -2.61 27.56 13.80
N ASN A 151 -3.58 28.44 13.65
CA ASN A 151 -3.70 29.56 14.57
C ASN A 151 -3.71 29.11 16.02
N ALA A 152 -2.87 29.76 16.84
CA ALA A 152 -2.74 29.44 18.25
C ALA A 152 -4.06 29.41 19.01
N LYS A 153 -5.06 30.10 18.49
CA LYS A 153 -6.37 30.15 19.13
C LYS A 153 -7.07 28.80 19.28
N LEU A 154 -6.77 27.86 18.37
CA LEU A 154 -7.43 26.55 18.39
C LEU A 154 -6.87 25.41 19.26
N PHE A 155 -5.90 25.66 20.12
CA PHE A 155 -5.36 24.53 20.89
C PHE A 155 -5.38 24.52 22.43
N LYS A 156 -5.21 25.68 23.07
CA LYS A 156 -5.21 25.76 24.54
C LYS A 156 -3.90 25.27 25.16
N SER A 157 -3.19 24.41 24.43
CA SER A 157 -1.90 23.87 24.87
C SER A 157 -0.95 24.08 23.70
N ASP A 158 0.03 24.97 23.87
CA ASP A 158 1.00 25.30 22.82
C ASP A 158 1.68 24.13 22.11
N ARG A 159 1.80 24.25 20.79
CA ARG A 159 2.45 23.23 19.97
C ARG A 159 3.91 23.16 20.41
N ILE A 160 4.34 21.97 20.81
CA ILE A 160 5.71 21.78 21.27
C ILE A 160 6.55 21.01 20.25
N PHE A 161 7.84 21.28 20.24
CA PHE A 161 8.77 20.62 19.34
C PHE A 161 10.07 20.35 20.07
N PHE A 162 10.63 19.17 19.82
CA PHE A 162 11.86 18.76 20.49
C PHE A 162 13.10 18.78 19.60
N ALA A 163 14.25 18.80 20.26
CA ALA A 163 15.53 18.83 19.57
C ALA A 163 15.85 17.52 18.90
N ASN A 164 16.87 17.57 18.06
CA ASN A 164 17.40 16.46 17.29
C ASN A 164 17.71 15.18 18.04
N GLN A 165 17.95 15.27 19.35
CA GLN A 165 18.32 14.12 20.16
C GLN A 165 17.25 13.07 20.41
N THR A 166 17.62 11.80 20.21
CA THR A 166 16.72 10.68 20.45
C THR A 166 16.99 10.19 21.87
N TYR A 167 15.92 9.93 22.61
CA TYR A 167 16.07 9.45 23.99
C TYR A 167 15.09 8.32 24.29
N LEU A 168 15.55 7.31 25.03
CA LEU A 168 14.66 6.21 25.40
C LEU A 168 13.57 6.79 26.30
N PRO A 169 12.48 6.05 26.52
CA PRO A 169 11.36 6.50 27.35
C PRO A 169 11.78 7.06 28.69
N SER A 170 13.08 7.00 28.95
CA SER A 170 13.62 7.55 30.17
C SER A 170 13.11 8.99 30.13
N GLU A 171 12.81 9.45 28.90
CA GLU A 171 12.35 10.82 28.65
C GLU A 171 13.54 11.67 29.03
N THR A 172 14.62 10.94 29.33
CA THR A 172 15.90 11.44 29.78
C THR A 172 15.94 12.81 30.47
N PRO A 173 16.28 13.91 29.76
CA PRO A 173 16.30 15.16 30.53
C PRO A 173 15.14 15.31 31.51
N ALA A 174 15.45 15.19 32.80
CA ALA A 174 14.46 15.30 33.85
C ALA A 174 13.49 16.45 33.63
N PRO A 175 14.01 17.64 33.28
CA PRO A 175 13.12 18.79 33.05
C PRO A 175 12.19 18.65 31.85
N LEU A 176 12.53 17.73 30.95
CA LEU A 176 11.77 17.47 29.74
C LEU A 176 10.74 16.35 29.92
N VAL A 177 11.00 15.45 30.85
CA VAL A 177 10.11 14.33 31.12
C VAL A 177 8.60 14.65 31.08
N LYS A 178 8.15 15.68 31.79
CA LYS A 178 6.74 16.03 31.78
C LYS A 178 6.23 16.57 30.45
N TYR A 179 7.11 17.26 29.70
CA TYR A 179 6.73 17.79 28.39
C TYR A 179 6.53 16.62 27.39
N ARG A 180 7.25 15.52 27.62
CA ARG A 180 7.17 14.34 26.77
C ARG A 180 5.87 13.56 26.92
N GLU A 181 5.53 13.17 28.15
CA GLU A 181 4.29 12.43 28.38
C GLU A 181 3.08 13.28 28.05
N GLU A 182 3.19 14.57 28.33
CA GLU A 182 2.13 15.52 28.07
C GLU A 182 1.73 15.48 26.60
N GLU A 183 2.69 15.66 25.72
CA GLU A 183 2.42 15.65 24.29
C GLU A 183 1.81 14.33 23.84
N LEU A 184 2.20 13.27 24.54
CA LEU A 184 1.70 11.92 24.24
C LEU A 184 0.20 11.92 24.50
N HIS A 185 -0.17 12.49 25.65
CA HIS A 185 -1.54 12.59 26.08
C HIS A 185 -2.30 13.46 25.08
N ASN A 186 -1.62 14.45 24.51
CA ASN A 186 -2.23 15.35 23.55
C ASN A 186 -2.55 14.66 22.22
N LEU A 187 -1.74 13.66 21.88
CA LEU A 187 -1.91 12.93 20.62
C LEU A 187 -3.05 11.89 20.62
N ARG A 188 -3.33 11.31 21.79
CA ARG A 188 -4.41 10.31 21.92
C ARG A 188 -5.77 10.99 22.03
N GLY A 189 -5.82 12.06 22.81
CA GLY A 189 -7.03 12.83 23.01
C GLY A 189 -8.26 12.11 23.52
N ASP A 190 -8.14 10.81 23.80
CA ASP A 190 -9.31 10.04 24.26
C ASP A 190 -10.27 9.80 23.07
N GLY A 191 -11.38 9.09 23.29
CA GLY A 191 -12.27 8.82 22.18
C GLY A 191 -13.65 9.46 22.15
N THR A 192 -13.70 10.78 22.08
CA THR A 192 -14.98 11.49 22.04
C THR A 192 -14.93 12.73 21.14
N GLY A 193 -16.08 13.09 20.55
CA GLY A 193 -16.14 14.25 19.69
C GLY A 193 -15.84 13.99 18.22
N GLU A 194 -16.19 14.94 17.36
CA GLU A 194 -15.95 14.81 15.92
C GLU A 194 -14.63 15.50 15.61
N ARG A 195 -13.71 14.75 15.01
CA ARG A 195 -12.40 15.27 14.66
C ARG A 195 -12.47 16.37 13.62
N LYS A 196 -11.71 17.44 13.84
CA LYS A 196 -11.66 18.59 12.92
C LYS A 196 -10.32 18.61 12.20
N GLU A 197 -10.31 19.25 11.03
CA GLU A 197 -9.15 19.34 10.16
C GLU A 197 -7.77 19.72 10.75
N TRP A 198 -7.76 20.59 11.76
CA TRP A 198 -6.51 21.04 12.36
C TRP A 198 -5.98 20.17 13.49
N GLU A 199 -6.73 19.15 13.89
CA GLU A 199 -6.30 18.30 14.99
C GLU A 199 -5.31 17.19 14.67
N ARG A 200 -4.50 16.86 15.67
CA ARG A 200 -3.50 15.81 15.57
C ARG A 200 -3.81 14.77 16.63
N ILE A 201 -4.98 14.15 16.52
CA ILE A 201 -5.38 13.13 17.47
C ILE A 201 -5.44 11.79 16.77
N TYR A 202 -4.80 10.78 17.37
CA TYR A 202 -4.78 9.45 16.80
C TYR A 202 -5.62 8.52 17.69
N ASP A 203 -6.55 7.80 17.08
CA ASP A 203 -7.41 6.86 17.81
C ASP A 203 -8.01 5.83 16.84
N TYR A 204 -8.49 4.72 17.40
CA TYR A 204 -9.06 3.63 16.61
C TYR A 204 -10.58 3.64 16.44
N ASP A 205 -11.04 2.95 15.42
CA ASP A 205 -12.46 2.80 15.10
C ASP A 205 -12.61 1.66 14.12
N VAL A 206 -13.77 1.04 14.15
CA VAL A 206 -14.08 -0.08 13.29
C VAL A 206 -14.44 0.40 11.88
N TYR A 207 -14.48 -0.53 10.93
CA TYR A 207 -14.84 -0.22 9.56
C TYR A 207 -16.37 -0.22 9.48
N ASN A 208 -16.94 0.97 9.55
CA ASN A 208 -18.39 1.17 9.52
C ASN A 208 -18.77 2.44 8.79
N ASP A 209 -17.96 2.87 7.83
CA ASP A 209 -18.27 4.10 7.09
C ASP A 209 -18.24 3.94 5.56
N LEU A 210 -18.10 2.69 5.11
CA LEU A 210 -18.06 2.35 3.68
C LEU A 210 -19.47 2.29 3.11
N GLY A 211 -20.42 1.94 3.97
CA GLY A 211 -21.81 1.83 3.56
C GLY A 211 -22.62 3.11 3.65
N ASP A 212 -23.81 3.08 3.07
CA ASP A 212 -24.71 4.23 3.06
C ASP A 212 -26.15 3.75 3.32
N PRO A 213 -26.44 3.30 4.56
CA PRO A 213 -27.75 2.80 4.98
C PRO A 213 -28.91 3.79 4.83
N ASP A 214 -28.60 5.08 4.87
CA ASP A 214 -29.60 6.14 4.75
C ASP A 214 -30.05 6.31 3.31
N LYS A 215 -29.21 5.88 2.38
CA LYS A 215 -29.52 5.98 0.97
C LYS A 215 -29.97 4.62 0.46
N GLY A 216 -30.67 3.87 1.31
CA GLY A 216 -31.15 2.57 0.90
C GLY A 216 -30.63 1.34 1.62
N GLU A 217 -31.56 0.50 2.07
CA GLU A 217 -31.26 -0.74 2.77
C GLU A 217 -30.37 -1.65 1.91
N ASN A 218 -30.23 -1.28 0.65
CA ASN A 218 -29.41 -2.03 -0.29
C ASN A 218 -27.97 -1.49 -0.27
N HIS A 219 -27.82 -0.28 0.23
CA HIS A 219 -26.54 0.41 0.32
C HIS A 219 -25.85 0.17 1.66
N ALA A 220 -26.50 -0.56 2.55
CA ALA A 220 -25.89 -0.84 3.85
C ALA A 220 -24.83 -1.90 3.64
N ARG A 221 -23.71 -1.73 4.30
CA ARG A 221 -22.61 -2.69 4.17
C ARG A 221 -22.19 -3.14 5.57
N PRO A 222 -21.81 -4.41 5.73
CA PRO A 222 -21.41 -4.93 7.06
C PRO A 222 -20.28 -4.17 7.75
N VAL A 223 -20.36 -4.09 9.07
CA VAL A 223 -19.32 -3.41 9.83
C VAL A 223 -18.21 -4.44 9.93
N LEU A 224 -17.00 -4.06 9.54
CA LEU A 224 -15.88 -4.97 9.57
C LEU A 224 -15.00 -4.72 10.80
N GLY A 225 -14.96 -5.70 11.68
CA GLY A 225 -14.17 -5.59 12.90
C GLY A 225 -15.01 -5.50 14.17
N GLY A 226 -14.45 -5.96 15.27
CA GLY A 226 -15.19 -5.91 16.52
C GLY A 226 -16.20 -7.04 16.66
N ASN A 227 -16.01 -8.10 15.88
CA ASN A 227 -16.89 -9.25 15.93
C ASN A 227 -16.18 -10.46 15.30
N ASP A 228 -16.63 -11.65 15.68
CA ASP A 228 -16.05 -12.90 15.20
C ASP A 228 -16.15 -13.19 13.71
N THR A 229 -17.31 -12.96 13.13
CA THR A 229 -17.55 -13.23 11.72
C THR A 229 -16.67 -12.45 10.74
N PHE A 230 -16.63 -11.13 10.89
CA PHE A 230 -15.81 -10.30 10.01
C PHE A 230 -14.73 -9.54 10.79
N PRO A 231 -13.67 -10.24 11.22
CA PRO A 231 -12.65 -9.48 11.97
C PRO A 231 -11.90 -8.60 10.98
N TYR A 232 -11.30 -7.52 11.48
CA TYR A 232 -10.59 -6.61 10.62
C TYR A 232 -9.67 -5.70 11.44
N PRO A 233 -8.58 -5.20 10.83
CA PRO A 233 -7.69 -4.31 11.57
C PRO A 233 -8.47 -3.03 11.78
N ARG A 234 -8.15 -2.25 12.82
CA ARG A 234 -8.88 -1.02 13.02
C ARG A 234 -8.35 0.05 12.09
N ARG A 235 -9.14 1.10 11.87
CA ARG A 235 -8.76 2.21 11.00
C ARG A 235 -8.70 3.48 11.84
N GLY A 236 -8.21 4.57 11.26
CA GLY A 236 -8.10 5.79 12.00
C GLY A 236 -9.42 6.40 12.39
N ARG A 237 -9.66 6.59 13.69
CA ARG A 237 -10.93 7.14 14.12
C ARG A 237 -11.24 8.56 13.64
N THR A 238 -12.47 8.73 13.22
CA THR A 238 -13.04 9.99 12.77
C THR A 238 -14.36 9.84 13.51
N GLY A 239 -14.90 10.91 14.08
CA GLY A 239 -16.13 10.75 14.82
C GLY A 239 -17.41 11.39 14.33
N ARG A 240 -17.69 11.30 13.04
CA ARG A 240 -18.90 11.88 12.47
C ARG A 240 -20.08 11.28 13.21
N LYS A 241 -21.24 11.94 13.17
CA LYS A 241 -22.41 11.40 13.84
C LYS A 241 -22.82 10.14 13.11
N PRO A 242 -23.46 9.18 13.83
CA PRO A 242 -23.90 7.93 13.22
C PRO A 242 -24.99 8.11 12.15
N THR A 243 -25.26 7.04 11.42
CA THR A 243 -26.24 7.09 10.37
C THR A 243 -27.66 7.07 10.95
N ARG A 244 -28.59 7.74 10.29
CA ARG A 244 -29.97 7.79 10.74
C ARG A 244 -30.57 6.39 10.83
N LYS A 245 -30.60 5.69 9.70
CA LYS A 245 -31.15 4.35 9.61
C LYS A 245 -30.40 3.29 10.43
N ASP A 246 -29.16 3.59 10.80
CA ASP A 246 -28.33 2.66 11.59
C ASP A 246 -27.39 3.43 12.51
N PRO A 247 -27.54 3.26 13.82
CA PRO A 247 -26.62 4.01 14.68
C PRO A 247 -25.22 3.45 14.61
N ASN A 248 -25.11 2.14 14.38
CA ASN A 248 -23.81 1.46 14.31
C ASN A 248 -23.01 1.85 13.08
N SER A 249 -23.60 2.63 12.20
CA SER A 249 -22.91 3.07 10.99
C SER A 249 -22.55 4.53 11.13
N GLU A 250 -21.48 4.95 10.47
CA GLU A 250 -21.04 6.33 10.54
C GLU A 250 -21.45 7.10 9.30
N SER A 251 -21.86 8.35 9.51
CA SER A 251 -22.28 9.23 8.41
C SER A 251 -21.18 9.38 7.38
N ARG A 252 -21.58 9.56 6.13
CA ARG A 252 -20.63 9.73 5.04
C ARG A 252 -20.34 11.21 4.89
N SER A 253 -19.13 11.53 4.45
CA SER A 253 -18.71 12.90 4.25
C SER A 253 -17.74 12.98 3.09
N ASN A 254 -17.67 14.15 2.47
CA ASN A 254 -16.77 14.38 1.35
C ASN A 254 -15.39 14.67 1.87
N ASP A 255 -15.25 14.60 3.17
CA ASP A 255 -13.97 14.90 3.80
C ASP A 255 -13.70 14.00 5.00
N VAL A 256 -12.89 12.96 4.80
CA VAL A 256 -12.55 12.08 5.90
C VAL A 256 -11.36 12.72 6.63
N TYR A 257 -11.39 12.66 7.96
CA TYR A 257 -10.30 13.25 8.73
C TYR A 257 -9.20 12.25 9.01
N LEU A 258 -7.98 12.77 9.09
CA LEU A 258 -6.80 12.02 9.43
C LEU A 258 -5.96 13.05 10.18
N PRO A 259 -5.26 12.63 11.26
CA PRO A 259 -4.46 13.63 11.97
C PRO A 259 -3.65 14.49 11.00
N ARG A 260 -3.70 15.80 11.19
CA ARG A 260 -2.96 16.73 10.33
C ARG A 260 -1.53 16.21 10.32
N ASP A 261 -0.80 16.49 9.25
CA ASP A 261 0.59 16.05 9.10
C ASP A 261 0.64 14.67 8.41
N GLU A 262 -0.35 13.81 8.66
CA GLU A 262 -0.39 12.51 8.00
C GLU A 262 -0.80 12.75 6.54
N ALA A 263 -1.21 13.97 6.24
CA ALA A 263 -1.62 14.35 4.89
C ALA A 263 -0.53 15.24 4.33
N PHE A 264 0.30 14.68 3.46
CA PHE A 264 1.42 15.40 2.85
C PHE A 264 1.06 16.25 1.62
N GLY A 265 1.61 17.47 1.58
CA GLY A 265 1.37 18.37 0.48
C GLY A 265 2.43 18.13 -0.57
N HIS A 266 2.34 18.84 -1.69
CA HIS A 266 3.32 18.68 -2.76
C HIS A 266 3.60 20.02 -3.43
N LEU A 267 4.81 20.17 -3.94
CA LEU A 267 5.20 21.40 -4.62
C LEU A 267 4.64 21.44 -6.05
N LYS A 268 4.42 20.26 -6.62
CA LYS A 268 3.93 20.19 -7.99
C LYS A 268 2.49 19.70 -8.15
N SER A 269 1.82 20.29 -9.15
CA SER A 269 0.44 19.92 -9.48
C SER A 269 0.61 18.75 -10.45
N SER A 270 0.75 17.56 -9.90
CA SER A 270 0.95 16.33 -10.67
C SER A 270 1.29 15.20 -9.72
N ASP A 271 1.77 15.55 -8.54
CA ASP A 271 2.15 14.57 -7.52
C ASP A 271 1.03 14.36 -6.51
N PHE A 272 -0.10 15.06 -6.72
CA PHE A 272 -1.27 14.95 -5.86
C PHE A 272 -2.08 13.80 -6.41
N LEU A 273 -1.45 12.62 -6.47
CA LEU A 273 -2.07 11.41 -7.00
C LEU A 273 -3.42 11.07 -6.39
N THR A 274 -3.54 11.17 -5.06
CA THR A 274 -4.82 10.86 -4.43
C THR A 274 -5.91 11.77 -5.01
N TYR A 275 -5.56 13.02 -5.26
CA TYR A 275 -6.52 13.98 -5.83
C TYR A 275 -6.95 13.46 -7.19
N GLY A 276 -5.98 12.99 -7.96
CA GLY A 276 -6.29 12.46 -9.28
C GLY A 276 -7.21 11.25 -9.18
N LEU A 277 -7.05 10.47 -8.13
CA LEU A 277 -7.89 9.28 -7.93
C LEU A 277 -9.30 9.69 -7.51
N LYS A 278 -9.40 10.64 -6.58
CA LYS A 278 -10.68 11.12 -6.10
C LYS A 278 -11.47 11.75 -7.25
N SER A 279 -10.80 12.59 -8.04
CA SER A 279 -11.43 13.26 -9.17
C SER A 279 -11.79 12.32 -10.31
N VAL A 280 -11.27 11.10 -10.27
CA VAL A 280 -11.57 10.12 -11.31
C VAL A 280 -12.87 9.41 -10.90
N SER A 281 -13.17 9.46 -9.59
CA SER A 281 -14.34 8.82 -9.02
C SER A 281 -15.58 9.71 -8.85
N GLN A 282 -15.45 11.00 -9.14
CA GLN A 282 -16.58 11.91 -9.03
C GLN A 282 -16.85 12.61 -10.36
N ASN A 283 -15.79 13.13 -10.98
CA ASN A 283 -15.92 13.83 -12.25
C ASN A 283 -15.81 12.93 -13.47
N VAL A 284 -14.74 12.15 -13.53
CA VAL A 284 -14.49 11.26 -14.66
C VAL A 284 -15.48 10.12 -14.85
N LEU A 285 -15.99 9.56 -13.77
CA LEU A 285 -16.93 8.45 -13.86
C LEU A 285 -18.24 8.83 -14.56
N PRO A 286 -19.08 9.67 -13.91
CA PRO A 286 -20.36 10.04 -14.55
C PRO A 286 -20.20 10.54 -15.98
N LEU A 287 -19.39 11.58 -16.16
CA LEU A 287 -19.17 12.15 -17.49
C LEU A 287 -18.83 11.06 -18.49
N LEU A 288 -18.06 10.07 -18.03
CA LEU A 288 -17.64 8.96 -18.89
C LEU A 288 -18.81 8.05 -19.26
N GLN A 289 -19.77 7.94 -18.36
CA GLN A 289 -20.94 7.10 -18.57
C GLN A 289 -21.98 7.79 -19.45
N SER A 290 -21.94 9.11 -19.49
CA SER A 290 -22.89 9.85 -20.31
C SER A 290 -22.60 9.57 -21.78
N ALA A 291 -21.37 9.15 -22.07
CA ALA A 291 -20.96 8.85 -23.44
C ALA A 291 -21.45 7.45 -23.81
N PHE A 292 -21.68 6.63 -22.80
CA PHE A 292 -22.16 5.27 -22.99
C PHE A 292 -23.68 5.34 -22.88
N ASP A 293 -24.15 5.81 -21.73
CA ASP A 293 -25.58 5.95 -21.47
C ASP A 293 -26.25 6.62 -22.66
N LEU A 294 -25.48 7.43 -23.39
CA LEU A 294 -26.00 8.09 -24.58
C LEU A 294 -25.68 7.13 -25.72
N ASN A 295 -24.73 7.48 -26.58
CA ASN A 295 -24.37 6.61 -27.69
C ASN A 295 -23.10 7.02 -28.43
N PHE A 296 -22.41 8.05 -27.94
CA PHE A 296 -21.21 8.54 -28.61
C PHE A 296 -20.04 7.55 -28.64
N THR A 297 -20.26 6.35 -28.10
CA THR A 297 -19.23 5.32 -28.08
C THR A 297 -19.84 3.92 -27.94
N PRO A 298 -19.41 2.97 -28.79
CA PRO A 298 -19.93 1.59 -28.71
C PRO A 298 -19.75 1.02 -27.30
N ARG A 299 -20.73 0.24 -26.85
CA ARG A 299 -20.72 -0.33 -25.50
C ARG A 299 -19.80 -1.53 -25.25
N GLU A 300 -19.48 -2.29 -26.28
CA GLU A 300 -18.62 -3.47 -26.13
C GLU A 300 -17.54 -3.56 -27.19
N PHE A 301 -16.39 -4.10 -26.82
CA PHE A 301 -15.27 -4.26 -27.76
C PHE A 301 -15.67 -5.38 -28.72
N ASP A 302 -15.35 -5.24 -30.00
CA ASP A 302 -15.72 -6.27 -30.98
C ASP A 302 -14.57 -7.20 -31.38
N SER A 303 -13.33 -6.78 -31.10
CA SER A 303 -12.15 -7.58 -31.42
C SER A 303 -10.97 -7.20 -30.53
N PHE A 304 -9.92 -8.01 -30.53
CA PHE A 304 -8.74 -7.70 -29.72
C PHE A 304 -8.16 -6.42 -30.29
N ASP A 305 -8.33 -6.26 -31.61
CA ASP A 305 -7.85 -5.10 -32.33
C ASP A 305 -8.49 -3.80 -31.84
N GLU A 306 -9.72 -3.89 -31.35
CA GLU A 306 -10.41 -2.72 -30.83
C GLU A 306 -9.80 -2.34 -29.49
N VAL A 307 -9.30 -3.35 -28.77
CA VAL A 307 -8.67 -3.14 -27.46
C VAL A 307 -7.29 -2.50 -27.61
N HIS A 308 -6.50 -2.99 -28.56
CA HIS A 308 -5.17 -2.46 -28.83
C HIS A 308 -5.23 -0.98 -29.23
N GLY A 309 -6.31 -0.59 -29.90
CA GLY A 309 -6.47 0.78 -30.33
C GLY A 309 -6.61 1.75 -29.18
N LEU A 310 -6.66 1.23 -27.96
CA LEU A 310 -6.79 2.06 -26.77
C LEU A 310 -5.52 2.86 -26.55
N TYR A 311 -4.39 2.26 -26.90
CA TYR A 311 -3.09 2.89 -26.74
C TYR A 311 -2.55 3.55 -28.01
N SER A 312 -3.33 3.45 -29.10
CA SER A 312 -2.94 4.07 -30.36
C SER A 312 -3.81 5.30 -30.55
N GLY A 313 -5.01 5.10 -31.07
CA GLY A 313 -5.91 6.21 -31.27
C GLY A 313 -6.58 6.60 -29.97
N GLY A 314 -7.12 5.61 -29.26
CA GLY A 314 -7.79 5.88 -28.01
C GLY A 314 -9.28 6.09 -28.21
N ILE A 315 -10.04 5.92 -27.13
CA ILE A 315 -11.49 6.06 -27.16
C ILE A 315 -12.01 7.42 -27.63
N LYS A 316 -12.48 7.47 -28.89
CA LYS A 316 -13.03 8.70 -29.44
C LYS A 316 -14.17 9.11 -28.52
N LEU A 317 -14.06 10.30 -27.94
CA LEU A 317 -15.09 10.78 -27.02
C LEU A 317 -15.65 12.13 -27.45
N PRO A 318 -16.94 12.37 -27.20
CA PRO A 318 -17.56 13.64 -27.58
C PRO A 318 -16.74 14.85 -27.10
N THR A 319 -16.70 15.89 -27.92
CA THR A 319 -15.98 17.10 -27.60
C THR A 319 -16.41 17.69 -26.26
N ASP A 320 -17.72 17.72 -26.04
CA ASP A 320 -18.27 18.25 -24.79
C ASP A 320 -17.55 17.66 -23.59
N ILE A 321 -17.46 16.34 -23.56
CA ILE A 321 -16.81 15.63 -22.46
C ILE A 321 -15.31 15.92 -22.40
N ILE A 322 -14.62 15.73 -23.52
CA ILE A 322 -13.18 15.96 -23.60
C ILE A 322 -12.73 17.35 -23.14
N SER A 323 -13.67 18.29 -23.06
CA SER A 323 -13.35 19.65 -22.63
C SER A 323 -13.29 19.74 -21.11
N LYS A 324 -14.05 18.86 -20.45
CA LYS A 324 -14.11 18.83 -18.99
C LYS A 324 -13.08 17.90 -18.35
N ILE A 325 -13.05 16.65 -18.81
CA ILE A 325 -12.12 15.67 -18.26
C ILE A 325 -10.73 15.77 -18.89
N SER A 326 -10.21 16.99 -18.95
CA SER A 326 -8.89 17.21 -19.53
C SER A 326 -8.07 18.32 -18.86
N PRO A 327 -8.71 19.48 -18.56
CA PRO A 327 -7.99 20.58 -17.92
C PRO A 327 -7.81 20.42 -16.40
N LEU A 328 -8.81 19.85 -15.74
CA LEU A 328 -8.76 19.65 -14.29
C LEU A 328 -7.38 19.23 -13.79
N PRO A 329 -7.01 19.71 -12.60
CA PRO A 329 -5.72 19.42 -11.95
C PRO A 329 -5.32 17.95 -11.84
N VAL A 330 -4.05 17.68 -12.12
CA VAL A 330 -3.45 16.35 -12.05
C VAL A 330 -3.77 15.43 -13.22
N LEU A 331 -5.03 15.39 -13.64
CA LEU A 331 -5.44 14.53 -14.75
C LEU A 331 -4.80 14.95 -16.06
N LYS A 332 -3.62 15.57 -15.98
CA LYS A 332 -2.86 16.01 -17.15
C LYS A 332 -1.78 14.99 -17.42
N GLU A 333 -1.39 14.85 -18.69
CA GLU A 333 -0.35 13.89 -19.08
C GLU A 333 -0.83 12.46 -18.88
N ILE A 334 -1.25 12.18 -17.64
CA ILE A 334 -1.74 10.87 -17.27
C ILE A 334 -2.85 10.50 -18.25
N PHE A 335 -3.67 11.48 -18.62
CA PHE A 335 -4.75 11.27 -19.57
C PHE A 335 -4.27 11.75 -20.94
N ARG A 336 -3.55 10.88 -21.64
CA ARG A 336 -3.03 11.23 -22.97
C ARG A 336 -4.17 11.67 -23.87
N THR A 337 -4.08 12.90 -24.37
CA THR A 337 -5.11 13.43 -25.24
C THR A 337 -4.55 13.85 -26.59
N ASP A 338 -5.38 13.72 -27.62
CA ASP A 338 -5.00 14.10 -28.97
C ASP A 338 -5.79 15.38 -29.29
N GLY A 339 -5.71 16.34 -28.36
CA GLY A 339 -6.41 17.60 -28.53
C GLY A 339 -7.87 17.49 -28.17
N GLU A 340 -8.61 16.72 -28.96
CA GLU A 340 -10.04 16.53 -28.72
C GLU A 340 -10.47 15.10 -29.04
N GLN A 341 -11.64 14.73 -28.57
CA GLN A 341 -12.19 13.40 -28.79
C GLN A 341 -11.29 12.30 -28.21
N ALA A 342 -10.30 11.90 -28.99
CA ALA A 342 -9.37 10.85 -28.59
C ALA A 342 -8.97 10.89 -27.12
N LEU A 343 -8.94 9.71 -26.50
CA LEU A 343 -8.57 9.56 -25.10
C LEU A 343 -7.61 8.39 -25.02
N LYS A 344 -6.41 8.60 -25.55
CA LYS A 344 -5.36 7.58 -25.58
C LYS A 344 -4.86 7.11 -24.22
N PHE A 345 -4.36 5.88 -24.19
CA PHE A 345 -3.81 5.26 -22.99
C PHE A 345 -2.37 4.85 -23.28
N PRO A 346 -1.46 5.05 -22.30
CA PRO A 346 -0.07 4.64 -22.56
C PRO A 346 -0.05 3.14 -22.78
N PRO A 347 0.76 2.67 -23.73
CA PRO A 347 0.82 1.22 -23.97
C PRO A 347 1.48 0.49 -22.80
N PRO A 348 0.76 -0.47 -22.19
CA PRO A 348 1.35 -1.22 -21.05
C PRO A 348 2.60 -1.97 -21.51
N LYS A 349 3.59 -2.09 -20.63
CA LYS A 349 4.83 -2.78 -20.96
C LYS A 349 4.62 -4.22 -21.44
N VAL A 350 3.49 -4.80 -21.04
CA VAL A 350 3.18 -6.18 -21.42
C VAL A 350 3.02 -6.45 -22.92
N ILE A 351 2.58 -5.46 -23.71
CA ILE A 351 2.43 -5.67 -25.16
C ILE A 351 3.33 -4.77 -26.01
N GLN A 352 4.32 -4.16 -25.36
CA GLN A 352 5.26 -3.27 -26.06
C GLN A 352 6.13 -4.01 -27.09
N VAL A 353 6.64 -5.18 -26.72
CA VAL A 353 7.47 -5.93 -27.65
C VAL A 353 6.63 -6.92 -28.46
N SER A 354 5.82 -7.72 -27.78
CA SER A 354 4.97 -8.69 -28.47
C SER A 354 3.54 -8.60 -27.94
N LYS A 355 2.63 -8.12 -28.76
CA LYS A 355 1.25 -8.00 -28.33
C LYS A 355 0.51 -9.33 -28.29
N SER A 356 1.23 -10.44 -28.50
CA SER A 356 0.61 -11.77 -28.51
C SER A 356 1.12 -12.76 -27.48
N ALA A 357 2.28 -12.45 -26.87
CA ALA A 357 2.91 -13.33 -25.87
C ALA A 357 2.13 -13.54 -24.58
N TRP A 358 1.18 -12.67 -24.27
CA TRP A 358 0.40 -12.83 -23.04
C TRP A 358 -0.47 -14.08 -23.10
N MET A 359 -0.74 -14.57 -24.30
CA MET A 359 -1.57 -15.77 -24.49
C MET A 359 -0.78 -17.05 -24.22
N THR A 360 0.53 -16.92 -24.06
CA THR A 360 1.42 -18.05 -23.80
C THR A 360 1.12 -18.68 -22.46
N ASP A 361 1.04 -20.00 -22.40
CA ASP A 361 0.80 -20.67 -21.13
C ASP A 361 2.03 -20.31 -20.31
N GLU A 362 3.12 -20.14 -21.03
CA GLU A 362 4.39 -19.82 -20.43
C GLU A 362 4.30 -18.50 -19.65
N GLU A 363 3.73 -17.47 -20.28
CA GLU A 363 3.59 -16.17 -19.63
C GLU A 363 2.52 -16.21 -18.54
N PHE A 364 1.50 -17.05 -18.73
CA PHE A 364 0.42 -17.21 -17.77
C PHE A 364 1.01 -17.70 -16.43
N ALA A 365 1.85 -18.72 -16.52
CA ALA A 365 2.48 -19.29 -15.32
C ALA A 365 3.60 -18.41 -14.76
N ARG A 366 4.32 -17.73 -15.65
CA ARG A 366 5.43 -16.83 -15.28
C ARG A 366 4.95 -15.73 -14.33
N GLU A 367 3.82 -15.12 -14.68
CA GLU A 367 3.26 -14.05 -13.89
C GLU A 367 2.83 -14.50 -12.50
N MET A 368 2.94 -15.81 -12.26
CA MET A 368 2.61 -16.38 -10.97
C MET A 368 3.86 -16.28 -10.11
N LEU A 369 5.01 -16.04 -10.73
CA LEU A 369 6.28 -15.96 -10.01
C LEU A 369 6.93 -14.59 -10.11
N ALA A 370 6.53 -13.84 -11.12
CA ALA A 370 7.09 -12.52 -11.35
C ALA A 370 6.03 -11.51 -11.76
N GLY A 371 4.76 -11.87 -11.60
CA GLY A 371 3.71 -10.95 -11.99
C GLY A 371 3.28 -9.95 -10.94
N VAL A 372 2.04 -9.48 -11.08
CA VAL A 372 1.43 -8.51 -10.18
C VAL A 372 1.08 -9.16 -8.83
N ASN A 373 0.89 -10.48 -8.86
CA ASN A 373 0.55 -11.26 -7.67
C ASN A 373 1.36 -12.57 -7.72
N PRO A 374 2.67 -12.50 -7.39
CA PRO A 374 3.56 -13.66 -7.39
C PRO A 374 3.80 -14.19 -6.00
N ASN A 375 2.82 -13.99 -5.13
CA ASN A 375 2.87 -14.37 -3.73
C ASN A 375 2.01 -15.58 -3.34
N LEU A 376 1.12 -15.98 -4.24
CA LEU A 376 0.19 -17.07 -3.97
C LEU A 376 0.60 -18.53 -4.21
N ILE A 377 1.34 -18.80 -5.27
CA ILE A 377 1.76 -20.16 -5.63
C ILE A 377 2.28 -21.01 -4.49
N ARG A 378 1.85 -22.28 -4.47
CA ARG A 378 2.25 -23.23 -3.43
C ARG A 378 2.78 -24.51 -4.07
N CYS A 379 3.60 -25.22 -3.29
CA CYS A 379 4.17 -26.48 -3.73
C CYS A 379 3.26 -27.58 -3.18
N LEU A 380 2.74 -28.41 -4.07
CA LEU A 380 1.86 -29.50 -3.71
C LEU A 380 2.53 -30.52 -2.78
N LYS A 381 1.87 -30.83 -1.66
CA LYS A 381 2.43 -31.80 -0.72
C LYS A 381 1.77 -33.16 -0.97
N ASP A 382 0.50 -33.14 -1.38
CA ASP A 382 -0.25 -34.37 -1.65
C ASP A 382 -1.16 -34.25 -2.87
N PHE A 383 -1.95 -35.29 -3.14
CA PHE A 383 -2.82 -35.32 -4.30
C PHE A 383 -4.01 -36.24 -4.09
N PRO A 384 -5.20 -35.80 -4.50
CA PRO A 384 -5.44 -34.49 -5.13
C PRO A 384 -5.53 -33.43 -4.04
N PRO A 385 -5.37 -32.14 -4.41
CA PRO A 385 -5.45 -31.04 -3.44
C PRO A 385 -6.79 -31.00 -2.71
N ARG A 386 -6.74 -30.79 -1.40
CA ARG A 386 -7.95 -30.74 -0.58
C ARG A 386 -8.48 -29.32 -0.37
N SER A 387 -9.40 -29.18 0.57
CA SER A 387 -9.97 -27.87 0.86
C SER A 387 -9.96 -27.61 2.37
N LYS A 388 -10.11 -26.35 2.75
CA LYS A 388 -10.14 -25.96 4.14
C LYS A 388 -11.57 -25.64 4.55
N LEU A 389 -12.52 -26.07 3.72
CA LEU A 389 -13.93 -25.81 3.99
C LEU A 389 -14.56 -26.86 4.92
N ASP A 390 -15.62 -26.45 5.61
CA ASP A 390 -16.32 -27.29 6.58
C ASP A 390 -16.84 -28.67 6.11
N SER A 391 -18.03 -29.04 6.61
CA SER A 391 -18.64 -30.33 6.32
C SER A 391 -19.12 -30.64 4.89
N GLN A 392 -18.96 -29.71 3.95
CA GLN A 392 -19.36 -29.99 2.56
C GLN A 392 -18.32 -31.00 2.08
N VAL A 393 -18.64 -31.78 1.06
CA VAL A 393 -17.70 -32.81 0.61
C VAL A 393 -16.51 -32.45 -0.28
N TYR A 394 -16.49 -31.24 -0.86
CA TYR A 394 -15.34 -30.88 -1.68
C TYR A 394 -14.22 -30.39 -0.80
N GLY A 395 -14.50 -30.38 0.51
CA GLY A 395 -13.51 -29.97 1.50
C GLY A 395 -13.19 -31.18 2.37
N ASP A 396 -14.19 -32.04 2.53
CA ASP A 396 -14.03 -33.26 3.31
C ASP A 396 -13.34 -34.28 2.41
N HIS A 397 -13.25 -33.97 1.12
CA HIS A 397 -12.57 -34.83 0.17
C HIS A 397 -12.22 -34.24 -1.20
N THR A 398 -10.92 -34.04 -1.37
CA THR A 398 -10.25 -33.52 -2.57
C THR A 398 -10.98 -32.66 -3.61
N SER A 399 -10.28 -32.53 -4.74
CA SER A 399 -10.75 -31.81 -5.91
C SER A 399 -10.87 -32.90 -6.95
N GLN A 400 -11.40 -32.58 -8.12
CA GLN A 400 -11.57 -33.59 -9.14
C GLN A 400 -10.48 -33.66 -10.21
N ILE A 401 -9.26 -33.30 -9.84
CA ILE A 401 -8.13 -33.36 -10.77
C ILE A 401 -7.53 -34.76 -10.59
N THR A 402 -7.62 -35.58 -11.62
CA THR A 402 -7.10 -36.95 -11.56
C THR A 402 -5.63 -37.08 -11.92
N LYS A 403 -5.01 -38.17 -11.47
CA LYS A 403 -3.61 -38.45 -11.72
C LYS A 403 -3.31 -38.75 -13.19
N GLU A 404 -4.35 -39.14 -13.93
CA GLU A 404 -4.19 -39.44 -15.36
C GLU A 404 -4.56 -38.22 -16.19
N HIS A 405 -4.23 -37.05 -15.65
CA HIS A 405 -4.52 -35.78 -16.30
C HIS A 405 -3.25 -34.95 -16.42
N LEU A 406 -2.17 -35.43 -15.84
CA LEU A 406 -0.91 -34.69 -15.86
C LEU A 406 0.19 -35.20 -16.79
N GLU A 407 0.91 -34.24 -17.37
CA GLU A 407 2.01 -34.45 -18.31
C GLU A 407 1.55 -35.01 -19.65
N PRO A 408 1.25 -34.11 -20.61
CA PRO A 408 0.78 -34.42 -21.96
C PRO A 408 1.84 -34.61 -23.04
N ASN A 409 3.08 -34.85 -22.63
CA ASN A 409 4.20 -35.07 -23.58
C ASN A 409 5.57 -34.87 -22.97
N LEU A 410 5.63 -34.09 -21.89
CA LEU A 410 6.88 -33.78 -21.21
C LEU A 410 7.69 -34.99 -20.72
N GLU A 411 8.25 -34.85 -19.52
CA GLU A 411 9.07 -35.87 -18.91
C GLU A 411 8.41 -37.26 -18.91
N GLY A 412 7.51 -37.47 -17.97
CA GLY A 412 6.84 -38.76 -17.86
C GLY A 412 7.10 -39.31 -16.48
N LEU A 413 6.77 -38.51 -15.47
CA LEU A 413 6.94 -38.88 -14.07
C LEU A 413 5.57 -39.09 -13.45
N THR A 414 5.45 -40.09 -12.60
CA THR A 414 4.19 -40.36 -11.94
C THR A 414 3.87 -39.12 -11.11
N VAL A 415 2.63 -39.01 -10.65
CA VAL A 415 2.25 -37.86 -9.86
C VAL A 415 3.09 -37.88 -8.58
N ASP A 416 3.30 -39.08 -8.02
CA ASP A 416 4.08 -39.21 -6.80
C ASP A 416 5.53 -38.76 -7.02
N GLU A 417 6.14 -39.28 -8.08
CA GLU A 417 7.52 -38.94 -8.41
C GLU A 417 7.64 -37.43 -8.59
N ALA A 418 6.61 -36.84 -9.20
CA ALA A 418 6.59 -35.40 -9.44
C ALA A 418 6.57 -34.68 -8.10
N ILE A 419 5.66 -35.12 -7.22
CA ILE A 419 5.53 -34.52 -5.90
C ILE A 419 6.80 -34.79 -5.10
N GLN A 420 7.33 -36.00 -5.27
CA GLN A 420 8.53 -36.42 -4.56
C GLN A 420 9.72 -35.50 -4.80
N ASN A 421 9.91 -35.09 -6.06
CA ASN A 421 11.01 -34.20 -6.39
C ASN A 421 10.57 -32.73 -6.41
N LYS A 422 9.44 -32.45 -5.77
CA LYS A 422 8.88 -31.10 -5.68
C LYS A 422 8.74 -30.39 -7.03
N ARG A 423 8.11 -31.06 -8.00
CA ARG A 423 7.94 -30.49 -9.32
C ARG A 423 6.51 -30.02 -9.58
N LEU A 424 5.60 -30.25 -8.64
CA LEU A 424 4.20 -29.83 -8.81
C LEU A 424 3.84 -28.65 -7.91
N PHE A 425 3.19 -27.65 -8.49
CA PHE A 425 2.79 -26.47 -7.75
C PHE A 425 1.31 -26.17 -8.02
N LEU A 426 0.70 -25.42 -7.13
CA LEU A 426 -0.72 -25.12 -7.27
C LEU A 426 -1.10 -23.68 -6.97
N LEU A 427 -2.08 -23.18 -7.71
CA LEU A 427 -2.60 -21.83 -7.50
C LEU A 427 -4.01 -22.11 -7.02
N ASP A 428 -4.21 -22.06 -5.71
CA ASP A 428 -5.52 -22.36 -5.15
C ASP A 428 -6.40 -21.13 -4.89
N HIS A 429 -7.42 -21.00 -5.72
CA HIS A 429 -8.40 -19.90 -5.65
C HIS A 429 -9.80 -20.48 -5.41
N HIS A 430 -9.87 -21.58 -4.69
CA HIS A 430 -11.13 -22.30 -4.41
C HIS A 430 -11.98 -21.86 -3.21
N ASP A 431 -11.40 -21.96 -2.02
CA ASP A 431 -12.10 -21.64 -0.77
C ASP A 431 -12.68 -20.23 -0.53
N PRO A 432 -11.88 -19.17 -0.72
CA PRO A 432 -12.44 -17.83 -0.49
C PRO A 432 -13.76 -17.44 -1.20
N ILE A 433 -13.90 -17.82 -2.46
CA ILE A 433 -15.08 -17.44 -3.21
C ILE A 433 -16.24 -18.44 -3.17
N MET A 434 -15.96 -19.70 -2.81
CA MET A 434 -17.00 -20.71 -2.79
C MET A 434 -18.23 -20.29 -2.00
N PRO A 435 -18.07 -19.99 -0.69
CA PRO A 435 -19.21 -19.58 0.13
C PRO A 435 -20.08 -18.43 -0.40
N TYR A 436 -19.53 -17.62 -1.30
CA TYR A 436 -20.27 -16.48 -1.87
C TYR A 436 -20.65 -16.66 -3.33
N LEU A 437 -20.31 -17.80 -3.92
CA LEU A 437 -20.59 -18.06 -5.32
C LEU A 437 -22.04 -17.97 -5.79
N ARG A 438 -22.95 -18.66 -5.12
CA ARG A 438 -24.35 -18.61 -5.55
C ARG A 438 -24.82 -17.16 -5.54
N ARG A 439 -24.47 -16.44 -4.48
CA ARG A 439 -24.83 -15.03 -4.33
C ARG A 439 -24.31 -14.19 -5.49
N ILE A 440 -23.02 -14.33 -5.79
CA ILE A 440 -22.36 -13.59 -6.86
C ILE A 440 -22.90 -14.01 -8.23
N ASN A 441 -23.16 -15.30 -8.41
CA ASN A 441 -23.67 -15.82 -9.69
C ASN A 441 -25.11 -15.37 -9.98
N ALA A 442 -25.77 -14.81 -8.97
CA ALA A 442 -27.13 -14.32 -9.13
C ALA A 442 -27.15 -12.89 -9.72
N THR A 443 -25.98 -12.28 -9.84
CA THR A 443 -25.91 -10.95 -10.41
C THR A 443 -25.49 -11.07 -11.87
N SER A 444 -25.14 -9.95 -12.47
CA SER A 444 -24.72 -9.94 -13.87
C SER A 444 -23.33 -10.55 -14.00
N THR A 445 -22.82 -11.12 -12.91
CA THR A 445 -21.51 -11.74 -12.93
C THR A 445 -21.64 -13.25 -12.83
N LYS A 446 -20.83 -13.98 -13.59
CA LYS A 446 -20.84 -15.43 -13.59
C LYS A 446 -19.40 -15.94 -13.43
N ALA A 447 -19.08 -16.46 -12.25
CA ALA A 447 -17.73 -16.93 -11.95
C ALA A 447 -17.57 -18.35 -11.43
N TYR A 448 -16.32 -18.80 -11.37
CA TYR A 448 -15.99 -20.14 -10.88
C TYR A 448 -14.98 -20.03 -9.73
N ALA A 449 -14.84 -21.11 -8.98
CA ALA A 449 -13.88 -21.18 -7.89
C ALA A 449 -12.80 -22.10 -8.46
N THR A 450 -11.77 -21.49 -9.02
CA THR A 450 -10.69 -22.22 -9.67
C THR A 450 -9.50 -22.75 -8.85
N ARG A 451 -8.82 -23.70 -9.48
CA ARG A 451 -7.61 -24.36 -8.98
C ARG A 451 -6.83 -24.67 -10.25
N THR A 452 -5.50 -24.63 -10.17
CA THR A 452 -4.70 -24.96 -11.34
C THR A 452 -3.38 -25.54 -10.87
N ILE A 453 -2.98 -26.61 -11.55
CA ILE A 453 -1.75 -27.29 -11.22
C ILE A 453 -0.72 -26.98 -12.29
N LEU A 454 0.51 -26.75 -11.84
CA LEU A 454 1.61 -26.42 -12.73
C LEU A 454 2.76 -27.37 -12.47
N PHE A 455 3.46 -27.72 -13.54
CA PHE A 455 4.59 -28.63 -13.48
C PHE A 455 5.86 -27.84 -13.76
N LEU A 456 6.91 -28.10 -12.98
CA LEU A 456 8.17 -27.41 -13.20
C LEU A 456 8.97 -28.18 -14.25
N LYS A 457 9.04 -27.63 -15.46
CA LYS A 457 9.78 -28.26 -16.53
C LYS A 457 11.28 -28.33 -16.16
N ASN A 458 12.06 -29.09 -16.92
CA ASN A 458 13.50 -29.23 -16.65
C ASN A 458 14.28 -28.05 -17.19
N ASP A 459 13.66 -27.31 -18.10
CA ASP A 459 14.28 -26.14 -18.70
C ASP A 459 14.18 -24.96 -17.73
N GLY A 460 13.59 -25.20 -16.57
CA GLY A 460 13.46 -24.16 -15.58
C GLY A 460 12.13 -23.43 -15.60
N THR A 461 11.28 -23.77 -16.56
CA THR A 461 10.00 -23.09 -16.64
C THR A 461 8.86 -23.85 -16.00
N LEU A 462 7.80 -23.09 -15.72
CA LEU A 462 6.58 -23.59 -15.12
C LEU A 462 5.58 -23.70 -16.27
N ARG A 463 4.75 -24.74 -16.25
CA ARG A 463 3.76 -24.92 -17.31
C ARG A 463 2.41 -25.36 -16.73
N PRO A 464 1.31 -24.68 -17.14
CA PRO A 464 -0.01 -25.07 -16.63
C PRO A 464 -0.40 -26.46 -17.14
N LEU A 465 -0.66 -27.38 -16.22
CA LEU A 465 -1.02 -28.74 -16.57
C LEU A 465 -2.54 -28.98 -16.58
N ALA A 466 -3.26 -28.34 -15.66
CA ALA A 466 -4.71 -28.52 -15.58
C ALA A 466 -5.40 -27.42 -14.78
N ILE A 467 -6.55 -27.00 -15.28
CA ILE A 467 -7.34 -25.98 -14.61
C ILE A 467 -8.65 -26.65 -14.19
N GLU A 468 -9.10 -26.37 -12.98
CA GLU A 468 -10.34 -26.95 -12.49
C GLU A 468 -11.33 -25.85 -12.22
N LEU A 469 -12.42 -25.85 -12.99
CA LEU A 469 -13.47 -24.85 -12.84
C LEU A 469 -14.59 -25.45 -11.99
N SER A 470 -14.74 -24.93 -10.78
CA SER A 470 -15.75 -25.43 -9.86
C SER A 470 -16.94 -24.50 -9.73
N LEU A 471 -18.11 -25.09 -9.58
CA LEU A 471 -19.35 -24.35 -9.42
C LEU A 471 -19.93 -24.78 -8.09
N PRO A 472 -20.87 -24.01 -7.54
CA PRO A 472 -21.41 -24.44 -6.26
C PRO A 472 -22.55 -25.44 -6.40
N HIS A 473 -22.90 -26.03 -5.26
CA HIS A 473 -23.99 -26.98 -5.10
C HIS A 473 -24.66 -27.61 -6.33
N PRO A 474 -24.42 -28.92 -6.56
CA PRO A 474 -25.10 -29.49 -7.74
C PRO A 474 -26.58 -29.43 -7.38
N GLN A 475 -26.86 -29.83 -6.14
CA GLN A 475 -28.19 -29.87 -5.54
C GLN A 475 -27.99 -29.66 -4.04
N GLY A 476 -28.62 -28.63 -3.48
CA GLY A 476 -28.49 -28.37 -2.06
C GLY A 476 -27.28 -27.52 -1.69
N ASP A 477 -26.25 -28.15 -1.14
CA ASP A 477 -25.02 -27.48 -0.75
C ASP A 477 -24.00 -28.47 -0.15
N GLN A 478 -24.50 -29.51 0.52
CA GLN A 478 -23.62 -30.52 1.11
C GLN A 478 -22.99 -31.24 -0.06
N SER A 479 -21.67 -31.42 -0.03
CA SER A 479 -20.99 -32.07 -1.14
C SER A 479 -21.25 -31.19 -2.35
N GLY A 480 -20.87 -29.92 -2.24
CA GLY A 480 -21.09 -28.98 -3.32
C GLY A 480 -19.94 -28.90 -4.29
N ALA A 481 -19.23 -30.02 -4.44
CA ALA A 481 -18.09 -30.10 -5.33
C ALA A 481 -18.44 -30.31 -6.81
N PHE A 482 -19.05 -29.31 -7.44
CA PHE A 482 -19.39 -29.43 -8.88
C PHE A 482 -18.28 -28.79 -9.71
N SER A 483 -17.34 -29.63 -10.18
CA SER A 483 -16.21 -29.13 -10.95
C SER A 483 -16.05 -29.71 -12.35
N GLN A 484 -15.32 -28.97 -13.17
CA GLN A 484 -15.02 -29.34 -14.54
C GLN A 484 -13.55 -28.99 -14.74
N VAL A 485 -12.72 -29.99 -15.07
CA VAL A 485 -11.31 -29.73 -15.27
C VAL A 485 -10.97 -29.74 -16.76
N PHE A 486 -10.26 -28.71 -17.20
CA PHE A 486 -9.84 -28.54 -18.59
C PHE A 486 -8.33 -28.70 -18.68
N LEU A 487 -7.84 -29.13 -19.84
CA LEU A 487 -6.42 -29.34 -20.03
C LEU A 487 -5.88 -28.53 -21.20
N PRO A 488 -4.62 -28.10 -21.13
CA PRO A 488 -3.98 -27.31 -22.19
C PRO A 488 -4.18 -27.90 -23.58
N ALA A 489 -4.53 -27.03 -24.53
CA ALA A 489 -4.78 -27.42 -25.91
C ALA A 489 -4.20 -26.40 -26.88
N ASP A 490 -3.26 -26.84 -27.70
CA ASP A 490 -2.59 -26.00 -28.66
C ASP A 490 -3.43 -25.76 -29.93
N GLU A 491 -4.40 -26.63 -30.17
CA GLU A 491 -5.22 -26.53 -31.38
C GLU A 491 -6.72 -26.24 -31.28
N GLY A 492 -7.27 -25.82 -32.42
CA GLY A 492 -8.69 -25.52 -32.57
C GLY A 492 -9.46 -24.88 -31.44
N VAL A 493 -10.74 -25.22 -31.36
CA VAL A 493 -11.66 -24.71 -30.35
C VAL A 493 -11.23 -25.11 -28.94
N GLU A 494 -10.32 -26.07 -28.85
CA GLU A 494 -9.83 -26.54 -27.56
C GLU A 494 -8.91 -25.49 -26.95
N SER A 495 -8.28 -24.70 -27.80
CA SER A 495 -7.38 -23.66 -27.31
C SER A 495 -8.20 -22.44 -26.91
N SER A 496 -9.32 -22.23 -27.61
CA SER A 496 -10.21 -21.10 -27.32
C SER A 496 -10.89 -21.38 -25.99
N ILE A 497 -11.12 -22.66 -25.72
CA ILE A 497 -11.76 -23.08 -24.48
C ILE A 497 -10.73 -23.00 -23.35
N TRP A 498 -9.48 -23.28 -23.70
CA TRP A 498 -8.40 -23.24 -22.72
C TRP A 498 -8.00 -21.80 -22.40
N LEU A 499 -8.12 -20.92 -23.40
CA LEU A 499 -7.77 -19.51 -23.21
C LEU A 499 -8.84 -18.83 -22.38
N LEU A 500 -10.01 -19.42 -22.34
CA LEU A 500 -11.09 -18.89 -21.55
C LEU A 500 -10.91 -19.46 -20.16
N ALA A 501 -10.38 -20.68 -20.09
CA ALA A 501 -10.15 -21.35 -18.83
C ALA A 501 -9.18 -20.60 -17.94
N LYS A 502 -8.09 -20.12 -18.52
CA LYS A 502 -7.10 -19.40 -17.73
C LYS A 502 -7.69 -18.05 -17.36
N ALA A 503 -8.58 -17.53 -18.20
CA ALA A 503 -9.20 -16.24 -17.92
C ALA A 503 -10.12 -16.29 -16.68
N TYR A 504 -10.73 -17.44 -16.43
CA TYR A 504 -11.60 -17.61 -15.26
C TYR A 504 -10.72 -17.67 -14.02
N VAL A 505 -9.49 -18.14 -14.19
CA VAL A 505 -8.54 -18.21 -13.09
C VAL A 505 -8.02 -16.82 -12.78
N VAL A 506 -7.57 -16.11 -13.82
CA VAL A 506 -7.03 -14.76 -13.70
C VAL A 506 -8.04 -13.76 -13.13
N VAL A 507 -9.32 -13.99 -13.41
CA VAL A 507 -10.36 -13.10 -12.89
C VAL A 507 -10.41 -13.31 -11.38
N ASN A 508 -10.22 -14.57 -10.97
CA ASN A 508 -10.19 -14.94 -9.55
C ASN A 508 -8.97 -14.27 -8.91
N ASP A 509 -7.81 -14.46 -9.56
CA ASP A 509 -6.54 -13.92 -9.08
C ASP A 509 -6.55 -12.40 -9.02
N SER A 510 -7.03 -11.76 -10.09
CA SER A 510 -7.09 -10.31 -10.13
C SER A 510 -7.78 -9.77 -8.89
N CYS A 511 -8.89 -10.40 -8.55
CA CYS A 511 -9.70 -9.99 -7.42
C CYS A 511 -9.05 -10.25 -6.06
N TYR A 512 -8.49 -11.44 -5.88
CA TYR A 512 -7.82 -11.81 -4.65
C TYR A 512 -6.65 -10.84 -4.41
N HIS A 513 -5.88 -10.59 -5.49
CA HIS A 513 -4.74 -9.67 -5.45
C HIS A 513 -5.19 -8.30 -4.97
N GLN A 514 -6.09 -7.71 -5.73
CA GLN A 514 -6.63 -6.40 -5.43
C GLN A 514 -7.17 -6.23 -4.01
N LEU A 515 -7.99 -7.16 -3.55
CA LEU A 515 -8.58 -7.05 -2.23
C LEU A 515 -7.72 -7.55 -1.06
N VAL A 516 -6.94 -8.60 -1.28
CA VAL A 516 -6.13 -9.15 -0.21
C VAL A 516 -4.63 -8.87 -0.31
N SER A 517 -4.01 -9.33 -1.38
CA SER A 517 -2.58 -9.12 -1.60
C SER A 517 -2.19 -7.66 -1.43
N HIS A 518 -3.01 -6.79 -2.04
CA HIS A 518 -2.80 -5.36 -2.02
C HIS A 518 -3.53 -4.62 -0.86
N TRP A 519 -4.82 -4.35 -1.03
CA TRP A 519 -5.56 -3.63 0.01
C TRP A 519 -5.41 -4.14 1.43
N LEU A 520 -5.62 -5.45 1.62
CA LEU A 520 -5.55 -6.02 2.95
C LEU A 520 -4.17 -6.26 3.54
N ASN A 521 -3.32 -7.00 2.84
CA ASN A 521 -2.00 -7.31 3.40
C ASN A 521 -1.04 -6.13 3.55
N THR A 522 -1.36 -5.05 2.86
CA THR A 522 -0.57 -3.85 2.89
C THR A 522 -1.32 -2.66 3.51
N HIS A 523 -2.12 -1.96 2.71
CA HIS A 523 -2.89 -0.81 3.18
C HIS A 523 -3.59 -0.97 4.54
N ALA A 524 -4.56 -1.87 4.62
CA ALA A 524 -5.31 -2.09 5.85
C ALA A 524 -4.52 -2.55 7.09
N VAL A 525 -3.72 -3.59 6.93
CA VAL A 525 -2.93 -4.17 8.03
C VAL A 525 -1.95 -3.21 8.72
N VAL A 526 -1.46 -2.22 7.97
CA VAL A 526 -0.50 -1.26 8.48
C VAL A 526 -1.09 -0.10 9.28
N GLU A 527 -2.29 0.38 8.93
CA GLU A 527 -2.86 1.51 9.66
C GLU A 527 -2.85 1.44 11.19
N PRO A 528 -3.17 0.28 11.79
CA PRO A 528 -3.15 0.22 13.26
C PRO A 528 -1.77 0.49 13.89
N PHE A 529 -0.71 0.19 13.15
CA PHE A 529 0.66 0.40 13.61
C PHE A 529 0.98 1.88 13.63
N ILE A 530 0.48 2.61 12.64
CA ILE A 530 0.72 4.05 12.57
C ILE A 530 0.00 4.75 13.73
N ILE A 531 -1.18 4.28 14.08
CA ILE A 531 -1.95 4.85 15.18
C ILE A 531 -1.27 4.52 16.50
N ALA A 532 -0.98 3.24 16.70
CA ALA A 532 -0.34 2.81 17.94
C ALA A 532 1.00 3.51 18.15
N THR A 533 1.76 3.69 17.09
CA THR A 533 3.07 4.35 17.22
C THR A 533 2.97 5.78 17.71
N ASN A 534 2.18 6.60 17.03
CA ASN A 534 2.04 8.00 17.39
C ASN A 534 1.43 8.18 18.77
N ARG A 535 0.58 7.24 19.17
CA ARG A 535 -0.09 7.33 20.47
C ARG A 535 0.78 7.03 21.69
N HIS A 536 1.86 6.27 21.52
CA HIS A 536 2.68 5.90 22.67
C HIS A 536 4.19 6.11 22.63
N LEU A 537 4.75 6.24 21.43
CA LEU A 537 6.19 6.45 21.26
C LEU A 537 6.37 7.94 21.01
N SER A 538 7.21 8.59 21.79
CA SER A 538 7.46 10.02 21.60
C SER A 538 8.23 10.25 20.29
N VAL A 539 8.02 11.40 19.64
CA VAL A 539 8.75 11.70 18.40
C VAL A 539 10.25 11.55 18.65
N VAL A 540 10.63 11.73 19.91
CA VAL A 540 12.01 11.66 20.35
C VAL A 540 12.52 10.23 20.57
N HIS A 541 11.59 9.28 20.69
CA HIS A 541 11.94 7.88 20.88
C HIS A 541 12.69 7.31 19.68
N PRO A 542 13.74 6.53 19.92
CA PRO A 542 14.53 5.93 18.83
C PRO A 542 13.74 5.08 17.83
N ILE A 543 12.83 4.23 18.33
CA ILE A 543 12.03 3.38 17.46
C ILE A 543 11.04 4.19 16.65
N TYR A 544 10.56 5.29 17.22
CA TYR A 544 9.64 6.17 16.51
C TYR A 544 10.33 6.61 15.21
N LYS A 545 11.56 7.11 15.36
CA LYS A 545 12.35 7.61 14.24
C LYS A 545 12.72 6.56 13.20
N LEU A 546 12.85 5.30 13.63
CA LEU A 546 13.17 4.23 12.70
C LEU A 546 11.96 3.90 11.80
N LEU A 547 10.78 3.92 12.40
CA LEU A 547 9.51 3.58 11.73
C LEU A 547 8.83 4.69 10.95
N HIS A 548 8.80 5.88 11.54
CA HIS A 548 8.13 7.00 10.92
C HIS A 548 8.19 7.20 9.40
N PRO A 549 9.40 7.18 8.81
CA PRO A 549 9.48 7.37 7.36
C PRO A 549 8.61 6.43 6.53
N HIS A 550 8.38 5.24 7.06
CA HIS A 550 7.57 4.24 6.39
C HIS A 550 6.05 4.37 6.58
N TYR A 551 5.62 5.43 7.29
CA TYR A 551 4.19 5.67 7.54
C TYR A 551 3.71 6.86 6.69
N ARG A 552 4.62 7.46 5.93
CA ARG A 552 4.31 8.63 5.11
C ARG A 552 3.10 8.56 4.17
N ASP A 553 2.11 9.41 4.44
CA ASP A 553 0.91 9.52 3.62
C ASP A 553 0.00 8.30 3.56
N THR A 554 0.32 7.27 4.34
CA THR A 554 -0.47 6.03 4.34
C THR A 554 -1.91 6.20 4.85
N MET A 555 -2.09 7.00 5.90
CA MET A 555 -3.43 7.25 6.47
C MET A 555 -4.26 8.10 5.51
N ASN A 556 -3.58 8.93 4.71
CA ASN A 556 -4.22 9.80 3.72
C ASN A 556 -4.81 8.97 2.57
N ILE A 557 -4.00 8.11 1.97
CA ILE A 557 -4.49 7.31 0.87
C ILE A 557 -5.59 6.34 1.33
N ASN A 558 -5.47 5.83 2.55
CA ASN A 558 -6.48 4.93 3.10
C ASN A 558 -7.81 5.64 3.34
N GLY A 559 -7.73 6.94 3.58
CA GLY A 559 -8.92 7.72 3.79
C GLY A 559 -9.63 7.91 2.47
N LEU A 560 -8.85 8.04 1.39
CA LEU A 560 -9.46 8.19 0.08
C LEU A 560 -10.07 6.85 -0.32
N ALA A 561 -9.45 5.76 0.12
CA ALA A 561 -9.93 4.42 -0.19
C ALA A 561 -11.33 4.20 0.37
N ARG A 562 -11.49 4.54 1.65
CA ARG A 562 -12.77 4.39 2.33
C ARG A 562 -13.79 5.29 1.65
N LEU A 563 -13.31 6.36 1.03
CA LEU A 563 -14.15 7.33 0.32
C LEU A 563 -14.53 6.99 -1.13
N SER A 564 -13.54 6.64 -1.94
CA SER A 564 -13.83 6.36 -3.35
C SER A 564 -13.35 5.04 -3.92
N LEU A 565 -12.79 4.17 -3.10
CA LEU A 565 -12.29 2.91 -3.63
C LEU A 565 -13.02 1.64 -3.24
N VAL A 566 -13.05 1.37 -1.94
CA VAL A 566 -13.65 0.17 -1.37
C VAL A 566 -15.01 0.44 -0.67
N ASN A 567 -15.67 1.53 -1.07
CA ASN A 567 -16.95 1.93 -0.49
C ASN A 567 -18.20 1.37 -1.19
N ASP A 568 -19.34 1.45 -0.48
CA ASP A 568 -20.65 0.99 -0.93
C ASP A 568 -20.88 0.83 -2.44
N GLY A 569 -20.53 1.83 -3.24
CA GLY A 569 -20.69 1.70 -4.67
C GLY A 569 -19.39 2.04 -5.35
N GLY A 570 -18.30 1.93 -4.58
CA GLY A 570 -16.98 2.26 -5.06
C GLY A 570 -16.52 1.63 -6.35
N VAL A 571 -15.33 2.02 -6.79
CA VAL A 571 -14.72 1.53 -8.02
C VAL A 571 -14.41 0.05 -7.98
N ILE A 572 -14.01 -0.42 -6.80
CA ILE A 572 -13.67 -1.82 -6.61
C ILE A 572 -14.91 -2.73 -6.63
N GLU A 573 -15.99 -2.28 -6.02
CA GLU A 573 -17.22 -3.06 -6.00
C GLU A 573 -17.80 -3.13 -7.40
N GLN A 574 -17.49 -2.10 -8.21
CA GLN A 574 -17.99 -2.01 -9.58
C GLN A 574 -17.05 -2.57 -10.65
N THR A 575 -15.79 -2.79 -10.30
CA THR A 575 -14.81 -3.26 -11.28
C THR A 575 -14.32 -4.68 -11.07
N PHE A 576 -14.54 -5.23 -9.88
CA PHE A 576 -14.05 -6.57 -9.62
C PHE A 576 -15.06 -7.68 -9.43
N LEU A 577 -14.59 -8.91 -9.61
CA LEU A 577 -15.41 -10.11 -9.50
C LEU A 577 -16.27 -10.25 -8.26
N TRP A 578 -15.69 -10.06 -7.07
CA TRP A 578 -16.45 -10.22 -5.83
C TRP A 578 -17.54 -9.19 -5.60
N GLY A 579 -17.60 -8.16 -6.43
CA GLY A 579 -18.62 -7.14 -6.29
C GLY A 579 -18.84 -6.53 -4.92
N ARG A 580 -20.12 -6.36 -4.57
CA ARG A 580 -20.50 -5.76 -3.31
C ARG A 580 -20.07 -6.55 -2.10
N TYR A 581 -19.57 -7.77 -2.32
CA TYR A 581 -19.10 -8.62 -1.23
C TYR A 581 -17.58 -8.55 -1.17
N SER A 582 -16.99 -7.64 -1.94
CA SER A 582 -15.53 -7.51 -1.99
C SER A 582 -14.81 -7.42 -0.65
N VAL A 583 -15.16 -6.43 0.17
CA VAL A 583 -14.49 -6.23 1.46
C VAL A 583 -14.80 -7.23 2.56
N GLU A 584 -16.05 -7.70 2.66
CA GLU A 584 -16.45 -8.68 3.67
C GLU A 584 -15.58 -9.90 3.51
N MET A 585 -15.40 -10.30 2.26
CA MET A 585 -14.59 -11.47 1.96
C MET A 585 -13.13 -11.30 2.42
N SER A 586 -12.57 -10.10 2.26
CA SER A 586 -11.19 -9.89 2.69
C SER A 586 -11.14 -10.01 4.20
N ALA A 587 -12.23 -9.64 4.87
CA ALA A 587 -12.31 -9.74 6.33
C ALA A 587 -12.38 -11.20 6.72
N VAL A 588 -12.94 -12.01 5.81
CA VAL A 588 -13.05 -13.43 6.07
C VAL A 588 -11.64 -14.00 5.85
N VAL A 589 -10.91 -13.41 4.91
CA VAL A 589 -9.55 -13.85 4.62
C VAL A 589 -8.63 -13.41 5.77
N TYR A 590 -8.93 -12.28 6.37
CA TYR A 590 -8.15 -11.77 7.50
C TYR A 590 -8.16 -12.80 8.63
N LYS A 591 -9.19 -13.65 8.63
CA LYS A 591 -9.34 -14.71 9.63
C LYS A 591 -8.08 -15.54 9.67
N ASP A 592 -7.42 -15.67 8.54
CA ASP A 592 -6.22 -16.49 8.47
C ASP A 592 -4.89 -15.73 8.45
N TRP A 593 -4.93 -14.43 8.68
CA TRP A 593 -3.70 -13.66 8.65
C TRP A 593 -2.93 -13.78 9.95
N VAL A 594 -1.61 -14.00 9.82
CA VAL A 594 -0.74 -14.08 10.99
C VAL A 594 0.50 -13.22 10.74
N PHE A 595 0.66 -12.19 11.58
CA PHE A 595 1.77 -11.25 11.50
C PHE A 595 3.15 -11.84 11.14
N THR A 596 3.59 -12.83 11.91
CA THR A 596 4.90 -13.41 11.69
C THR A 596 5.13 -14.17 10.39
N ASP A 597 4.07 -14.55 9.70
CA ASP A 597 4.23 -15.27 8.43
C ASP A 597 4.34 -14.25 7.33
N GLN A 598 4.25 -12.98 7.69
CA GLN A 598 4.35 -11.90 6.71
C GLN A 598 5.80 -11.64 6.33
N ALA A 599 6.73 -12.06 7.19
CA ALA A 599 8.15 -11.91 6.90
C ALA A 599 8.37 -12.82 5.68
N LEU A 600 9.08 -12.31 4.67
CA LEU A 600 9.30 -13.08 3.45
C LEU A 600 9.82 -14.50 3.64
N PRO A 601 10.92 -14.69 4.39
CA PRO A 601 11.37 -16.07 4.52
C PRO A 601 10.30 -16.95 5.16
N ALA A 602 9.56 -16.39 6.11
CA ALA A 602 8.49 -17.13 6.78
C ALA A 602 7.41 -17.47 5.76
N ASP A 603 7.11 -16.52 4.88
CA ASP A 603 6.10 -16.69 3.85
C ASP A 603 6.50 -17.81 2.90
N LEU A 604 7.73 -17.74 2.39
CA LEU A 604 8.26 -18.73 1.46
C LEU A 604 8.14 -20.16 2.00
N ILE A 605 8.61 -20.38 3.22
CA ILE A 605 8.57 -21.71 3.84
C ILE A 605 7.13 -22.19 4.03
N LYS A 606 6.27 -21.32 4.53
CA LYS A 606 4.87 -21.63 4.76
C LYS A 606 4.21 -22.18 3.50
N ARG A 607 4.63 -21.67 2.35
CA ARG A 607 4.07 -22.10 1.07
C ARG A 607 4.81 -23.29 0.44
N GLY A 608 5.89 -23.74 1.07
CA GLY A 608 6.64 -24.87 0.55
C GLY A 608 7.55 -24.50 -0.61
N MET A 609 7.75 -23.20 -0.81
CA MET A 609 8.59 -22.69 -1.88
C MET A 609 10.05 -22.65 -1.47
N ALA A 610 10.33 -22.95 -0.21
CA ALA A 610 11.69 -22.95 0.32
C ALA A 610 11.80 -23.87 1.53
N ILE A 611 13.01 -24.33 1.83
CA ILE A 611 13.24 -25.20 2.98
C ILE A 611 14.43 -24.64 3.74
N GLU A 612 14.45 -24.84 5.05
CA GLU A 612 15.55 -24.33 5.85
C GLU A 612 16.85 -25.03 5.46
N ASP A 613 17.85 -24.23 5.12
CA ASP A 613 19.15 -24.74 4.70
C ASP A 613 20.23 -23.73 5.06
N PRO A 614 20.97 -23.97 6.15
CA PRO A 614 22.04 -23.07 6.61
C PRO A 614 23.13 -22.83 5.57
N SER A 615 23.31 -23.79 4.67
CA SER A 615 24.32 -23.67 3.64
C SER A 615 24.07 -22.49 2.71
N CYS A 616 22.83 -22.36 2.26
CA CYS A 616 22.43 -21.30 1.32
C CYS A 616 22.65 -19.86 1.78
N PRO A 617 22.85 -18.94 0.80
CA PRO A 617 23.09 -17.51 1.01
C PRO A 617 22.06 -16.74 1.83
N HIS A 618 20.98 -17.39 2.23
CA HIS A 618 19.96 -16.72 3.02
C HIS A 618 19.31 -17.67 4.01
N GLY A 619 20.06 -18.68 4.40
CA GLY A 619 19.55 -19.66 5.36
C GLY A 619 18.45 -20.55 4.84
N ILE A 620 18.00 -20.31 3.61
CA ILE A 620 16.94 -21.14 3.05
C ILE A 620 17.23 -21.56 1.62
N ARG A 621 16.71 -22.73 1.26
CA ARG A 621 16.87 -23.28 -0.09
C ARG A 621 15.55 -23.12 -0.85
N LEU A 622 15.61 -22.47 -2.01
CA LEU A 622 14.42 -22.22 -2.82
C LEU A 622 14.08 -23.32 -3.85
N VAL A 623 12.80 -23.67 -3.95
CA VAL A 623 12.35 -24.65 -4.97
C VAL A 623 12.10 -23.67 -6.11
N ILE A 624 12.48 -24.03 -7.33
CA ILE A 624 12.34 -23.08 -8.44
C ILE A 624 13.28 -21.94 -8.07
N GLU A 625 14.52 -22.01 -8.54
CA GLU A 625 15.52 -20.99 -8.25
C GLU A 625 15.30 -19.74 -9.08
N ASP A 626 14.60 -19.91 -10.19
CA ASP A 626 14.28 -18.83 -11.12
C ASP A 626 12.92 -18.21 -10.75
N TYR A 627 12.78 -17.83 -9.48
CA TYR A 627 11.57 -17.22 -8.93
C TYR A 627 11.94 -15.76 -8.62
N PRO A 628 11.78 -14.88 -9.61
CA PRO A 628 12.12 -13.46 -9.49
C PRO A 628 11.77 -12.76 -8.20
N TYR A 629 10.49 -12.61 -7.92
CA TYR A 629 10.03 -11.92 -6.72
C TYR A 629 10.81 -12.36 -5.46
N THR A 630 10.97 -13.68 -5.31
CA THR A 630 11.65 -14.26 -4.17
C THR A 630 13.18 -14.10 -4.12
N VAL A 631 13.86 -14.29 -5.24
CA VAL A 631 15.30 -14.16 -5.25
C VAL A 631 15.68 -12.71 -4.99
N ASP A 632 14.93 -11.79 -5.58
CA ASP A 632 15.18 -10.37 -5.40
C ASP A 632 14.76 -9.90 -4.02
N GLY A 633 13.55 -10.30 -3.62
CA GLY A 633 13.02 -9.92 -2.33
C GLY A 633 13.81 -10.38 -1.12
N LEU A 634 14.47 -11.53 -1.23
CA LEU A 634 15.30 -12.06 -0.14
C LEU A 634 16.46 -11.11 0.11
N GLU A 635 16.94 -10.46 -0.95
CA GLU A 635 18.04 -9.51 -0.87
C GLU A 635 17.60 -8.33 -0.04
N ILE A 636 16.50 -7.72 -0.47
CA ILE A 636 15.94 -6.56 0.22
C ILE A 636 15.48 -6.90 1.64
N TRP A 637 14.95 -8.11 1.82
CA TRP A 637 14.51 -8.54 3.15
C TRP A 637 15.71 -8.56 4.09
N ASP A 638 16.79 -9.16 3.63
CA ASP A 638 18.01 -9.25 4.44
C ASP A 638 18.61 -7.88 4.70
N ALA A 639 18.51 -6.99 3.71
CA ALA A 639 19.04 -5.64 3.83
C ALA A 639 18.29 -4.87 4.91
N ILE A 640 16.97 -4.96 4.87
CA ILE A 640 16.10 -4.30 5.84
C ILE A 640 16.38 -4.82 7.25
N LYS A 641 16.35 -6.13 7.39
CA LYS A 641 16.56 -6.83 8.65
C LYS A 641 17.90 -6.55 9.33
N THR A 642 18.95 -6.45 8.52
CA THR A 642 20.30 -6.18 9.03
C THR A 642 20.34 -4.77 9.59
N TRP A 643 19.75 -3.85 8.85
CA TRP A 643 19.67 -2.45 9.20
C TRP A 643 18.92 -2.21 10.53
N VAL A 644 17.74 -2.82 10.68
CA VAL A 644 16.96 -2.65 11.89
C VAL A 644 17.70 -3.22 13.10
N HIS A 645 18.36 -4.37 12.91
CA HIS A 645 19.11 -5.00 13.99
C HIS A 645 20.21 -4.09 14.54
N GLU A 646 21.02 -3.52 13.64
CA GLU A 646 22.10 -2.60 14.02
C GLU A 646 21.53 -1.40 14.73
N TYR A 647 20.43 -0.87 14.21
CA TYR A 647 19.77 0.30 14.81
C TYR A 647 19.26 0.00 16.21
N VAL A 648 18.53 -1.10 16.35
CA VAL A 648 17.98 -1.50 17.63
C VAL A 648 19.05 -1.73 18.69
N PHE A 649 20.07 -2.52 18.37
CA PHE A 649 21.12 -2.84 19.33
C PHE A 649 22.04 -1.70 19.66
N LEU A 650 21.77 -0.57 19.03
CA LEU A 650 22.54 0.64 19.25
C LEU A 650 21.94 1.33 20.48
N TYR A 651 20.63 1.16 20.65
CA TYR A 651 19.92 1.79 21.75
C TYR A 651 19.57 0.94 22.94
N TYR A 652 19.36 -0.36 22.75
CA TYR A 652 19.01 -1.24 23.86
C TYR A 652 20.20 -2.09 24.33
N LYS A 653 20.67 -1.78 25.53
CA LYS A 653 21.82 -2.45 26.13
C LYS A 653 21.63 -3.94 26.45
N SER A 654 20.45 -4.27 26.94
CA SER A 654 20.14 -5.66 27.31
C SER A 654 18.69 -5.96 26.95
N ASP A 655 18.21 -7.15 27.30
CA ASP A 655 16.83 -7.50 26.99
C ASP A 655 15.94 -6.85 28.04
N ASP A 656 16.50 -6.58 29.21
CA ASP A 656 15.75 -5.96 30.30
C ASP A 656 15.46 -4.50 29.97
N THR A 657 16.40 -3.86 29.28
CA THR A 657 16.24 -2.48 28.89
C THR A 657 14.95 -2.34 28.07
N LEU A 658 14.58 -3.42 27.40
CA LEU A 658 13.39 -3.47 26.55
C LEU A 658 12.11 -3.69 27.35
N ARG A 659 12.18 -4.56 28.34
CA ARG A 659 11.03 -4.86 29.20
C ARG A 659 10.72 -3.68 30.11
N GLU A 660 11.67 -2.74 30.20
CA GLU A 660 11.53 -1.54 31.02
C GLU A 660 11.01 -0.35 30.24
N ASP A 661 11.04 -0.43 28.92
CA ASP A 661 10.57 0.66 28.07
C ASP A 661 9.06 0.79 28.17
N PRO A 662 8.58 1.83 28.89
CA PRO A 662 7.14 2.00 29.04
C PRO A 662 6.39 2.39 27.77
N GLU A 663 7.02 3.22 26.95
CA GLU A 663 6.39 3.67 25.71
C GLU A 663 6.28 2.54 24.70
N LEU A 664 7.33 1.74 24.58
CA LEU A 664 7.34 0.62 23.66
C LEU A 664 6.35 -0.46 24.10
N GLN A 665 6.38 -0.78 25.39
CA GLN A 665 5.50 -1.78 25.94
C GLN A 665 4.05 -1.35 25.82
N ALA A 666 3.77 -0.08 26.09
CA ALA A 666 2.41 0.44 25.97
C ALA A 666 1.99 0.41 24.50
N CYS A 667 2.95 0.66 23.62
CA CYS A 667 2.70 0.65 22.19
C CYS A 667 2.34 -0.75 21.67
N TRP A 668 3.13 -1.76 22.02
CA TRP A 668 2.86 -3.11 21.55
C TRP A 668 1.57 -3.69 22.11
N LYS A 669 1.28 -3.39 23.36
CA LYS A 669 0.06 -3.89 23.99
C LYS A 669 -1.19 -3.37 23.29
N GLU A 670 -1.16 -2.08 22.94
CA GLU A 670 -2.28 -1.43 22.27
C GLU A 670 -2.49 -1.95 20.85
N LEU A 671 -1.39 -2.22 20.17
CA LEU A 671 -1.44 -2.74 18.81
C LEU A 671 -2.16 -4.07 18.81
N VAL A 672 -1.70 -4.96 19.68
CA VAL A 672 -2.26 -6.29 19.82
C VAL A 672 -3.70 -6.29 20.35
N GLU A 673 -3.89 -5.66 21.51
CA GLU A 673 -5.21 -5.62 22.13
C GLU A 673 -6.24 -4.70 21.49
N VAL A 674 -5.78 -3.68 20.76
CA VAL A 674 -6.72 -2.76 20.12
C VAL A 674 -6.64 -2.76 18.59
N GLY A 675 -5.61 -2.11 18.06
CA GLY A 675 -5.41 -2.03 16.62
C GLY A 675 -5.80 -3.26 15.83
N HIS A 676 -5.34 -4.42 16.30
CA HIS A 676 -5.65 -5.70 15.67
C HIS A 676 -6.38 -6.50 16.74
N GLY A 677 -7.18 -5.77 17.52
CA GLY A 677 -7.93 -6.33 18.63
C GLY A 677 -8.63 -7.64 18.42
N ASP A 678 -9.02 -7.94 17.18
CA ASP A 678 -9.72 -9.18 16.88
C ASP A 678 -8.79 -10.41 16.94
N LYS A 679 -7.48 -10.16 16.97
CA LYS A 679 -6.52 -11.23 17.04
C LYS A 679 -5.70 -11.11 18.31
N LYS A 680 -6.13 -10.23 19.20
CA LYS A 680 -5.41 -10.00 20.45
C LYS A 680 -5.14 -11.29 21.19
N ASN A 681 -5.90 -12.34 20.90
CA ASN A 681 -5.67 -13.60 21.60
C ASN A 681 -4.94 -14.67 20.80
N GLU A 682 -4.40 -14.30 19.65
CA GLU A 682 -3.65 -15.26 18.83
C GLU A 682 -2.33 -15.52 19.56
N PRO A 683 -1.91 -16.80 19.60
CA PRO A 683 -0.67 -17.20 20.27
C PRO A 683 0.64 -16.93 19.54
N TRP A 684 0.57 -16.41 18.31
CA TRP A 684 1.76 -16.13 17.52
C TRP A 684 2.25 -14.69 17.64
N TRP A 685 1.64 -13.91 18.52
CA TRP A 685 2.05 -12.52 18.68
C TRP A 685 3.35 -12.43 19.44
N PRO A 686 4.37 -11.81 18.83
CA PRO A 686 5.64 -11.70 19.55
C PRO A 686 5.46 -10.88 20.83
N LYS A 687 6.20 -11.26 21.87
CA LYS A 687 6.14 -10.54 23.13
C LYS A 687 7.33 -9.58 23.09
N MET A 688 7.10 -8.33 23.44
CA MET A 688 8.19 -7.39 23.42
C MET A 688 9.03 -7.61 24.69
N GLN A 689 9.54 -8.81 24.84
CA GLN A 689 10.36 -9.16 25.99
C GLN A 689 11.79 -9.34 25.52
N THR A 690 11.97 -9.34 24.20
CA THR A 690 13.30 -9.54 23.63
C THR A 690 13.65 -8.55 22.54
N ARG A 691 14.95 -8.25 22.41
CA ARG A 691 15.43 -7.31 21.40
C ARG A 691 15.25 -7.96 20.02
N GLU A 692 15.38 -9.28 19.98
CA GLU A 692 15.23 -10.06 18.76
C GLU A 692 13.80 -10.02 18.26
N GLU A 693 12.83 -9.95 19.17
CA GLU A 693 11.43 -9.92 18.78
C GLU A 693 11.05 -8.55 18.21
N LEU A 694 11.73 -7.50 18.65
CA LEU A 694 11.46 -6.16 18.15
C LEU A 694 12.08 -5.99 16.77
N VAL A 695 13.24 -6.60 16.58
CA VAL A 695 13.89 -6.50 15.29
C VAL A 695 12.96 -7.15 14.27
N GLU A 696 12.46 -8.33 14.63
CA GLU A 696 11.58 -9.06 13.74
C GLU A 696 10.33 -8.25 13.43
N ALA A 697 9.69 -7.73 14.46
CA ALA A 697 8.47 -6.94 14.32
C ALA A 697 8.69 -5.70 13.47
N CYS A 698 9.80 -5.00 13.71
CA CYS A 698 10.10 -3.79 12.94
C CYS A 698 10.44 -4.13 11.49
N ALA A 699 11.13 -5.24 11.30
CA ALA A 699 11.51 -5.70 9.96
C ALA A 699 10.26 -6.00 9.11
N ILE A 700 9.32 -6.75 9.68
CA ILE A 700 8.09 -7.08 8.97
C ILE A 700 7.29 -5.82 8.63
N ILE A 701 7.11 -4.94 9.61
CA ILE A 701 6.36 -3.71 9.36
C ILE A 701 6.97 -2.97 8.17
N ILE A 702 8.28 -2.74 8.25
CA ILE A 702 9.02 -2.03 7.21
C ILE A 702 8.98 -2.82 5.91
N TRP A 703 9.13 -4.13 5.98
CA TRP A 703 9.06 -4.94 4.76
C TRP A 703 7.69 -4.71 4.11
N THR A 704 6.64 -4.75 4.93
CA THR A 704 5.26 -4.58 4.45
C THR A 704 4.99 -3.21 3.83
N ALA A 705 5.48 -2.16 4.48
CA ALA A 705 5.28 -0.80 3.99
C ALA A 705 6.10 -0.44 2.73
N SER A 706 7.18 -1.15 2.48
CA SER A 706 8.02 -0.82 1.33
C SER A 706 8.04 -1.81 0.17
N ALA A 707 8.87 -2.82 0.30
CA ALA A 707 9.03 -3.84 -0.72
C ALA A 707 7.80 -4.67 -1.09
N LEU A 708 7.00 -5.03 -0.09
CA LEU A 708 5.81 -5.83 -0.36
C LEU A 708 4.77 -5.06 -1.19
N HIS A 709 4.44 -3.85 -0.74
CA HIS A 709 3.45 -3.03 -1.43
C HIS A 709 3.91 -2.68 -2.84
N ALA A 710 5.19 -2.34 -2.99
CA ALA A 710 5.72 -1.99 -4.29
C ALA A 710 5.64 -3.19 -5.23
N ALA A 711 6.00 -4.36 -4.72
CA ALA A 711 6.00 -5.60 -5.49
C ALA A 711 4.62 -5.97 -5.99
N VAL A 712 3.62 -5.62 -5.19
CA VAL A 712 2.23 -5.93 -5.46
C VAL A 712 1.46 -4.79 -6.14
N ASN A 713 1.90 -3.54 -5.90
CA ASN A 713 1.22 -2.35 -6.44
C ASN A 713 1.78 -1.76 -7.75
N PHE A 714 3.10 -1.70 -7.92
CA PHE A 714 3.63 -1.06 -9.11
C PHE A 714 3.62 -1.78 -10.47
N GLY A 715 3.26 -3.06 -10.50
CA GLY A 715 3.18 -3.78 -11.76
C GLY A 715 1.74 -3.94 -12.26
N GLN A 716 0.82 -3.21 -11.65
CA GLN A 716 -0.59 -3.28 -12.01
C GLN A 716 -0.88 -2.87 -13.44
N TYR A 717 -0.48 -1.67 -13.85
CA TYR A 717 -0.72 -1.23 -15.23
C TYR A 717 0.20 -1.91 -16.25
N PRO A 718 1.50 -2.01 -15.95
CA PRO A 718 2.44 -2.65 -16.87
C PRO A 718 1.98 -4.04 -17.30
N TYR A 719 1.34 -4.76 -16.38
CA TYR A 719 0.83 -6.11 -16.66
C TYR A 719 -0.66 -6.06 -16.95
N GLY A 720 -1.41 -5.40 -16.07
CA GLY A 720 -2.86 -5.30 -16.21
C GLY A 720 -3.40 -4.12 -16.99
N GLY A 721 -2.53 -3.29 -17.55
CA GLY A 721 -2.97 -2.14 -18.33
C GLY A 721 -3.62 -2.62 -19.61
N LEU A 722 -3.59 -3.93 -19.80
CA LEU A 722 -4.17 -4.64 -20.93
C LEU A 722 -5.20 -5.56 -20.26
N ILE A 723 -6.48 -5.21 -20.38
CA ILE A 723 -7.57 -6.00 -19.78
C ILE A 723 -7.58 -7.47 -20.21
N LEU A 724 -7.13 -7.75 -21.42
CA LEU A 724 -7.09 -9.11 -21.94
C LEU A 724 -6.21 -10.02 -21.10
N ASN A 725 -5.06 -9.49 -20.67
CA ASN A 725 -4.11 -10.27 -19.88
C ASN A 725 -4.51 -10.38 -18.41
N ARG A 726 -5.15 -9.34 -17.89
CA ARG A 726 -5.59 -9.31 -16.50
C ARG A 726 -7.07 -8.91 -16.37
N PRO A 727 -8.01 -9.79 -16.74
CA PRO A 727 -9.45 -9.51 -16.66
C PRO A 727 -9.87 -9.31 -15.21
N THR A 728 -10.85 -8.43 -14.97
CA THR A 728 -11.29 -8.16 -13.61
C THR A 728 -12.57 -8.91 -13.18
N LEU A 729 -13.51 -9.12 -14.10
CA LEU A 729 -14.74 -9.86 -13.78
C LEU A 729 -15.21 -10.79 -14.92
N SER A 730 -16.00 -11.81 -14.58
CA SER A 730 -16.50 -12.79 -15.56
C SER A 730 -18.00 -12.64 -15.73
N ARG A 731 -18.45 -12.54 -16.98
CA ARG A 731 -19.87 -12.38 -17.27
C ARG A 731 -20.53 -13.57 -17.98
N ARG A 732 -19.78 -14.65 -18.22
CA ARG A 732 -20.35 -15.81 -18.90
C ARG A 732 -19.77 -17.13 -18.39
N PHE A 733 -20.57 -18.17 -18.48
CA PHE A 733 -20.14 -19.48 -18.06
C PHE A 733 -19.50 -20.08 -19.32
N MET A 734 -18.74 -21.15 -19.13
CA MET A 734 -18.06 -21.84 -20.23
C MET A 734 -19.04 -22.34 -21.30
N PRO A 735 -18.89 -21.90 -22.56
CA PRO A 735 -19.79 -22.35 -23.62
C PRO A 735 -19.87 -23.86 -23.60
N GLU A 736 -21.06 -24.40 -23.80
CA GLU A 736 -21.22 -25.85 -23.75
C GLU A 736 -21.13 -26.58 -25.08
N LYS A 737 -20.77 -27.86 -24.96
CA LYS A 737 -20.63 -28.79 -26.08
C LYS A 737 -20.74 -28.21 -27.48
N GLY A 738 -21.95 -27.93 -27.93
CA GLY A 738 -22.13 -27.40 -29.27
C GLY A 738 -23.14 -26.28 -29.41
N SER A 739 -23.62 -25.75 -28.29
CA SER A 739 -24.60 -24.67 -28.31
C SER A 739 -24.13 -23.50 -29.17
N ALA A 740 -25.04 -22.55 -29.42
CA ALA A 740 -24.71 -21.39 -30.22
C ALA A 740 -23.64 -20.54 -29.58
N GLU A 741 -23.28 -20.91 -28.34
CA GLU A 741 -22.24 -20.18 -27.62
C GLU A 741 -20.92 -20.84 -27.99
N TYR A 742 -20.98 -22.14 -28.25
CA TYR A 742 -19.81 -22.92 -28.64
C TYR A 742 -19.51 -22.73 -30.12
N GLU A 743 -20.56 -22.43 -30.89
CA GLU A 743 -20.41 -22.23 -32.33
C GLU A 743 -19.80 -20.87 -32.66
N GLU A 744 -20.04 -19.87 -31.81
CA GLU A 744 -19.49 -18.54 -32.01
C GLU A 744 -18.04 -18.53 -31.54
N LEU A 745 -17.75 -19.39 -30.56
CA LEU A 745 -16.39 -19.52 -30.04
C LEU A 745 -15.57 -19.99 -31.23
N ARG A 746 -16.18 -20.85 -32.04
CA ARG A 746 -15.55 -21.41 -33.22
C ARG A 746 -15.41 -20.37 -34.33
N LYS A 747 -16.53 -19.74 -34.68
CA LYS A 747 -16.53 -18.74 -35.74
C LYS A 747 -15.80 -17.44 -35.35
N ASN A 748 -15.92 -17.05 -34.08
CA ASN A 748 -15.29 -15.82 -33.58
C ASN A 748 -14.84 -15.98 -32.14
N PRO A 749 -13.64 -16.53 -31.90
CA PRO A 749 -13.12 -16.71 -30.55
C PRO A 749 -12.89 -15.40 -29.81
N GLN A 750 -12.33 -14.43 -30.52
CA GLN A 750 -12.06 -13.12 -29.95
C GLN A 750 -13.28 -12.50 -29.35
N LYS A 751 -14.42 -12.60 -30.04
CA LYS A 751 -15.66 -12.02 -29.51
C LYS A 751 -16.19 -12.84 -28.31
N ALA A 752 -15.89 -14.13 -28.28
CA ALA A 752 -16.32 -14.99 -27.20
C ALA A 752 -15.56 -14.63 -25.93
N TYR A 753 -14.31 -14.22 -26.12
CA TYR A 753 -13.45 -13.82 -25.02
C TYR A 753 -13.92 -12.47 -24.49
N LEU A 754 -14.13 -11.52 -25.40
CA LEU A 754 -14.58 -10.19 -25.04
C LEU A 754 -15.88 -10.18 -24.23
N LYS A 755 -16.80 -11.09 -24.55
CA LYS A 755 -18.09 -11.17 -23.85
C LYS A 755 -17.99 -11.88 -22.50
N THR A 756 -16.89 -12.58 -22.28
CA THR A 756 -16.72 -13.26 -21.02
C THR A 756 -16.07 -12.39 -19.94
N ILE A 757 -15.24 -11.43 -20.37
CA ILE A 757 -14.54 -10.55 -19.44
C ILE A 757 -15.12 -9.15 -19.29
N THR A 758 -14.53 -8.41 -18.36
CA THR A 758 -14.90 -7.03 -18.03
C THR A 758 -15.40 -6.25 -19.24
N PRO A 759 -16.60 -5.64 -19.14
CA PRO A 759 -17.11 -4.87 -20.28
C PRO A 759 -16.30 -3.60 -20.55
N LYS A 760 -16.60 -2.94 -21.66
CA LYS A 760 -15.90 -1.73 -22.07
C LYS A 760 -15.91 -0.61 -21.04
N PHE A 761 -17.08 -0.29 -20.51
CA PHE A 761 -17.14 0.79 -19.54
C PHE A 761 -16.26 0.55 -18.32
N GLN A 762 -16.33 -0.65 -17.75
CA GLN A 762 -15.53 -0.97 -16.57
C GLN A 762 -14.05 -1.07 -16.90
N THR A 763 -13.73 -1.52 -18.11
CA THR A 763 -12.34 -1.62 -18.53
C THR A 763 -11.74 -0.22 -18.54
N LEU A 764 -12.54 0.75 -18.93
CA LEU A 764 -12.08 2.14 -18.99
C LEU A 764 -11.86 2.74 -17.61
N ILE A 765 -12.62 2.23 -16.64
CA ILE A 765 -12.51 2.71 -15.26
C ILE A 765 -11.24 2.11 -14.66
N ASP A 766 -11.16 0.79 -14.71
CA ASP A 766 -10.04 0.04 -14.19
C ASP A 766 -8.69 0.56 -14.69
N LEU A 767 -8.60 0.85 -15.98
CA LEU A 767 -7.36 1.36 -16.53
C LEU A 767 -7.05 2.73 -15.97
N SER A 768 -8.07 3.57 -15.86
CA SER A 768 -7.88 4.91 -15.33
C SER A 768 -7.29 4.90 -13.93
N VAL A 769 -7.83 4.03 -13.09
CA VAL A 769 -7.39 3.91 -11.71
C VAL A 769 -6.02 3.25 -11.54
N ILE A 770 -5.79 2.09 -12.16
CA ILE A 770 -4.51 1.42 -12.00
C ILE A 770 -3.33 2.11 -12.70
N GLU A 771 -3.62 3.14 -13.49
CA GLU A 771 -2.54 3.86 -14.17
C GLU A 771 -1.98 4.89 -13.20
N ILE A 772 -2.84 5.34 -12.28
CA ILE A 772 -2.46 6.32 -11.26
C ILE A 772 -1.76 5.56 -10.15
N LEU A 773 -2.38 4.46 -9.72
CA LEU A 773 -1.88 3.59 -8.68
C LEU A 773 -0.48 3.05 -8.96
N SER A 774 -0.15 2.87 -10.25
CA SER A 774 1.16 2.34 -10.64
C SER A 774 2.21 3.43 -10.88
N ARG A 775 1.92 4.65 -10.48
CA ARG A 775 2.81 5.78 -10.69
C ARG A 775 3.66 6.16 -9.48
N HIS A 776 4.74 6.88 -9.75
CA HIS A 776 5.63 7.37 -8.72
C HIS A 776 5.55 8.89 -8.80
N ALA A 777 5.26 9.54 -7.68
CA ALA A 777 5.20 10.99 -7.63
C ALA A 777 6.64 11.48 -7.71
N SER A 778 6.87 12.64 -8.30
CA SER A 778 8.22 13.17 -8.44
C SER A 778 8.97 13.38 -7.11
N ASP A 779 8.23 13.54 -6.02
CA ASP A 779 8.84 13.75 -4.71
C ASP A 779 8.75 12.50 -3.82
N GLU A 780 8.71 11.33 -4.44
CA GLU A 780 8.65 10.06 -3.71
C GLU A 780 9.95 9.86 -2.94
N VAL A 781 9.86 9.43 -1.68
CA VAL A 781 11.07 9.17 -0.88
C VAL A 781 11.25 7.65 -0.93
N TYR A 782 12.29 7.19 -1.61
CA TYR A 782 12.52 5.76 -1.77
C TYR A 782 13.30 5.09 -0.66
N LEU A 783 13.10 3.78 -0.52
CA LEU A 783 13.79 3.02 0.51
C LEU A 783 15.28 3.27 0.34
N GLY A 784 15.65 3.61 -0.89
CA GLY A 784 17.04 3.88 -1.22
C GLY A 784 17.74 4.88 -0.31
N GLU A 785 17.84 4.54 0.97
CA GLU A 785 18.51 5.39 1.93
C GLU A 785 17.96 6.81 1.78
N ARG A 786 16.65 6.95 1.87
CA ARG A 786 16.11 8.28 1.75
C ARG A 786 15.30 8.65 2.98
N ASP A 787 15.47 9.90 3.41
CA ASP A 787 14.76 10.45 4.57
C ASP A 787 14.41 11.86 4.11
N ASN A 788 13.94 12.70 5.03
CA ASN A 788 13.61 14.07 4.70
C ASN A 788 14.87 14.93 4.99
N PRO A 789 15.10 15.36 6.26
CA PRO A 789 16.29 16.16 6.52
C PRO A 789 17.23 15.29 7.39
N ASN A 790 17.81 15.89 8.42
CA ASN A 790 18.70 15.16 9.34
C ASN A 790 17.98 14.81 10.65
N TRP A 791 17.17 13.76 10.53
CA TRP A 791 16.35 13.19 11.58
C TRP A 791 17.00 12.99 12.94
N THR A 792 18.31 12.71 12.98
CA THR A 792 18.96 12.47 14.27
C THR A 792 20.37 13.05 14.40
N SER A 793 20.82 13.16 15.65
CA SER A 793 22.15 13.68 15.95
C SER A 793 23.03 12.53 16.44
N ASP A 794 22.44 11.35 16.52
CA ASP A 794 23.15 10.14 16.90
C ASP A 794 23.94 9.75 15.67
N THR A 795 25.23 10.04 15.75
CA THR A 795 26.20 9.78 14.70
C THR A 795 26.26 8.30 14.33
N ARG A 796 26.23 7.44 15.34
CA ARG A 796 26.27 6.00 15.11
C ARG A 796 25.09 5.54 14.23
N ALA A 797 23.90 6.05 14.50
CA ALA A 797 22.72 5.68 13.73
C ALA A 797 22.90 6.22 12.32
N LEU A 798 23.33 7.47 12.24
CA LEU A 798 23.54 8.11 10.94
C LEU A 798 24.44 7.26 10.05
N GLU A 799 25.42 6.59 10.66
CA GLU A 799 26.36 5.76 9.92
C GLU A 799 25.73 4.44 9.52
N ALA A 800 24.94 3.88 10.42
CA ALA A 800 24.29 2.61 10.15
C ALA A 800 23.34 2.82 8.99
N PHE A 801 22.71 4.00 8.96
CA PHE A 801 21.78 4.37 7.90
C PHE A 801 22.48 4.54 6.56
N LYS A 802 23.74 4.94 6.60
CA LYS A 802 24.54 5.13 5.39
C LYS A 802 24.95 3.76 4.84
N ARG A 803 25.18 2.81 5.74
CA ARG A 803 25.56 1.46 5.36
C ARG A 803 24.36 0.80 4.66
N PHE A 804 23.19 0.99 5.27
CA PHE A 804 21.95 0.44 4.74
C PHE A 804 21.84 0.95 3.31
N GLY A 805 21.99 2.25 3.13
CA GLY A 805 21.88 2.84 1.81
C GLY A 805 22.90 2.30 0.83
N ASN A 806 24.12 2.05 1.29
CA ASN A 806 25.15 1.55 0.41
C ASN A 806 24.85 0.12 0.00
N LYS A 807 24.28 -0.66 0.91
CA LYS A 807 23.93 -2.04 0.58
C LYS A 807 22.81 -2.10 -0.45
N LEU A 808 21.90 -1.13 -0.39
CA LEU A 808 20.79 -1.04 -1.32
C LEU A 808 21.33 -0.80 -2.74
N ALA A 809 22.28 0.14 -2.87
CA ALA A 809 22.88 0.48 -4.16
C ALA A 809 23.62 -0.74 -4.68
N GLN A 810 24.24 -1.49 -3.78
CA GLN A 810 24.94 -2.71 -4.12
C GLN A 810 23.88 -3.64 -4.71
N ILE A 811 22.81 -3.85 -3.94
CA ILE A 811 21.73 -4.74 -4.35
C ILE A 811 21.14 -4.41 -5.71
N GLU A 812 20.90 -3.14 -5.96
CA GLU A 812 20.33 -2.71 -7.23
C GLU A 812 21.16 -3.20 -8.43
N ASN A 813 22.48 -3.04 -8.35
CA ASN A 813 23.35 -3.46 -9.44
C ASN A 813 23.33 -4.97 -9.60
N LYS A 814 23.30 -5.67 -8.47
CA LYS A 814 23.24 -7.13 -8.42
C LYS A 814 22.00 -7.65 -9.13
N LEU A 815 20.89 -6.95 -8.93
CA LEU A 815 19.62 -7.34 -9.53
C LEU A 815 19.56 -7.03 -11.03
N SER A 816 20.21 -5.94 -11.44
CA SER A 816 20.23 -5.56 -12.84
C SER A 816 21.05 -6.54 -13.67
N GLU A 817 22.09 -7.08 -13.06
CA GLU A 817 22.97 -8.06 -13.69
C GLU A 817 22.15 -9.32 -13.94
N ARG A 818 21.33 -9.67 -12.95
CA ARG A 818 20.46 -10.84 -13.01
C ARG A 818 19.55 -10.75 -14.22
N ASN A 819 19.07 -9.55 -14.49
CA ASN A 819 18.16 -9.28 -15.59
C ASN A 819 18.86 -9.47 -16.93
N ASN A 820 20.16 -9.69 -16.88
CA ASN A 820 20.95 -9.89 -18.09
C ASN A 820 21.31 -11.35 -18.23
N ASP A 821 21.25 -12.09 -17.13
CA ASP A 821 21.57 -13.50 -17.14
C ASP A 821 20.56 -14.21 -18.06
N GLU A 822 21.05 -14.82 -19.13
CA GLU A 822 20.18 -15.50 -20.09
C GLU A 822 19.61 -16.82 -19.61
N LYS A 823 20.20 -17.40 -18.57
CA LYS A 823 19.72 -18.66 -18.03
C LYS A 823 18.53 -18.47 -17.07
N LEU A 824 18.07 -17.22 -16.93
CA LEU A 824 16.95 -16.90 -16.05
C LEU A 824 15.78 -16.30 -16.84
N ARG A 825 15.24 -17.11 -17.73
CA ARG A 825 14.13 -16.74 -18.60
C ARG A 825 12.94 -16.10 -17.87
N ASN A 826 12.61 -16.65 -16.70
CA ASN A 826 11.48 -16.19 -15.90
C ASN A 826 11.52 -14.71 -15.51
N ARG A 827 12.69 -14.08 -15.62
CA ARG A 827 12.82 -12.67 -15.29
C ARG A 827 12.31 -11.85 -16.44
N CYS A 828 12.10 -12.50 -17.58
CA CYS A 828 11.63 -11.78 -18.75
C CYS A 828 10.48 -12.48 -19.48
N GLY A 829 10.55 -13.80 -19.60
CA GLY A 829 9.49 -14.54 -20.27
C GLY A 829 9.27 -14.17 -21.72
N PRO A 830 8.29 -14.78 -22.40
CA PRO A 830 8.04 -14.48 -23.81
C PRO A 830 7.64 -13.03 -24.04
N VAL A 831 7.29 -12.35 -22.97
CA VAL A 831 6.88 -10.96 -23.07
C VAL A 831 8.08 -9.99 -23.10
N GLN A 832 9.25 -10.51 -22.76
CA GLN A 832 10.49 -9.72 -22.73
C GLN A 832 10.36 -8.53 -21.79
N MET A 833 9.93 -8.83 -20.57
CA MET A 833 9.71 -7.82 -19.55
C MET A 833 10.62 -8.12 -18.36
N PRO A 834 11.88 -7.64 -18.39
CA PRO A 834 12.76 -7.92 -17.25
C PRO A 834 12.12 -7.45 -15.93
N TYR A 835 12.25 -8.27 -14.90
CA TYR A 835 11.69 -7.99 -13.59
C TYR A 835 12.49 -6.92 -12.87
N THR A 836 11.91 -5.73 -12.76
CA THR A 836 12.58 -4.62 -12.10
C THR A 836 11.77 -3.97 -10.96
N LEU A 837 10.69 -4.64 -10.55
CA LEU A 837 9.81 -4.17 -9.48
C LEU A 837 10.51 -4.07 -8.13
N LEU A 838 11.63 -4.76 -7.98
CA LEU A 838 12.36 -4.75 -6.71
C LEU A 838 13.66 -3.96 -6.72
N LEU A 839 13.86 -3.15 -7.77
CA LEU A 839 15.03 -2.30 -7.87
C LEU A 839 14.69 -1.12 -6.95
N PRO A 840 15.52 -0.84 -5.95
CA PRO A 840 15.25 0.27 -5.03
C PRO A 840 14.91 1.65 -5.61
N SER A 841 15.66 2.12 -6.61
CA SER A 841 15.42 3.45 -7.18
C SER A 841 14.57 3.51 -8.44
N SER A 842 14.10 4.72 -8.74
CA SER A 842 13.27 5.00 -9.90
C SER A 842 13.28 6.52 -10.08
N LYS A 843 12.92 7.00 -11.27
CA LYS A 843 12.93 8.43 -11.53
C LYS A 843 11.60 9.17 -11.36
N GLU A 844 10.48 8.50 -11.66
CA GLU A 844 9.14 9.10 -11.56
C GLU A 844 8.19 8.58 -12.64
N GLY A 845 6.92 8.49 -12.31
CA GLY A 845 5.94 8.03 -13.27
C GLY A 845 5.63 6.54 -13.29
N LEU A 846 5.19 6.07 -14.45
CA LEU A 846 4.85 4.66 -14.61
C LEU A 846 6.11 3.86 -14.87
N THR A 847 6.93 3.76 -13.82
CA THR A 847 8.17 3.00 -13.92
C THR A 847 7.92 1.64 -13.31
N PHE A 848 8.27 0.61 -14.07
CA PHE A 848 8.06 -0.75 -13.61
C PHE A 848 9.12 -1.06 -12.57
N ARG A 849 9.39 -0.10 -11.69
CA ARG A 849 10.43 -0.29 -10.68
C ARG A 849 10.34 0.75 -9.58
N GLY A 850 11.18 0.59 -8.55
CA GLY A 850 11.20 1.53 -7.44
C GLY A 850 10.51 1.08 -6.16
N ILE A 851 11.22 1.17 -5.03
CA ILE A 851 10.67 0.79 -3.73
C ILE A 851 10.53 1.97 -2.75
N PRO A 852 9.32 2.57 -2.67
CA PRO A 852 9.05 3.69 -1.76
C PRO A 852 9.22 3.27 -0.32
N ASN A 853 9.49 4.24 0.56
CA ASN A 853 9.66 3.94 1.98
C ASN A 853 8.37 3.44 2.62
N SER A 854 7.24 3.94 2.11
CA SER A 854 5.92 3.63 2.64
C SER A 854 4.83 3.38 1.59
N ILE A 855 3.64 2.98 2.08
CA ILE A 855 2.48 2.76 1.24
C ILE A 855 1.94 4.17 1.03
N SER A 856 2.23 4.73 -0.14
CA SER A 856 1.82 6.09 -0.47
C SER A 856 0.75 6.20 -1.54
N ILE A 857 0.30 5.06 -2.07
CA ILE A 857 -0.70 5.09 -3.11
C ILE A 857 -1.26 3.70 -3.41
FE FE B . -1.55 0.85 -3.15
C1 13S C . -4.87 -7.25 -11.37
C2 13S C . -4.71 -6.02 -10.47
C3 13S C . -5.82 -5.87 -9.43
C4 13S C . -6.14 -4.37 -9.29
C5 13S C . -6.06 -3.82 -7.85
C6 13S C . -7.37 -3.12 -7.45
C7 13S C . -7.21 -2.10 -6.30
C8 13S C . -6.93 -2.76 -4.93
C9 13S C . -7.88 -2.35 -3.78
C10 13S C . -7.76 -1.15 -3.07
C11 13S C . -6.78 -0.22 -3.35
C12 13S C . -6.67 0.95 -2.65
C13 13S C . -5.57 1.95 -3.00
C14 13S C . -5.79 2.57 -4.42
C15 13S C . -5.98 4.11 -4.30
C16 13S C . -4.80 4.91 -4.89
C17 13S C . -4.89 6.44 -4.58
C18 13S C . -4.36 7.27 -5.76
O19 13S C . -5.44 -7.13 -12.49
O20 13S C . -4.37 -8.33 -11.04
O21 13S C . -4.29 1.27 -2.95
O22 13S C . -3.32 1.70 -3.53
C1 13R D . -5.01 -7.32 -11.20
C2 13R D . -5.83 -6.56 -10.15
C3 13R D . -5.10 -5.26 -9.72
C4 13R D . -5.59 -4.68 -8.38
C5 13R D . -6.54 -3.48 -8.59
C6 13R D . -6.63 -2.59 -7.37
C7 13R D . -7.60 -3.10 -6.30
C8 13R D . -6.98 -2.95 -4.90
C9 13R D . -7.94 -2.46 -3.80
C10 13R D . -7.80 -1.22 -3.23
C11 13R D . -6.82 -0.36 -3.61
C12 13R D . -6.68 0.84 -3.04
C13 13R D . -5.57 1.77 -3.52
C14 13R D . -5.96 3.23 -3.27
C15 13R D . -5.83 4.05 -4.57
C16 13R D . -4.75 5.13 -4.38
C17 13R D . -4.63 6.11 -5.56
C18 13R D . -4.64 7.55 -5.00
O19 13R D . -5.18 -7.10 -12.42
O20 13R D . -4.18 -8.16 -10.85
O21 13R D . -4.35 1.45 -2.83
O22 13R D . -3.28 1.92 -3.18
C1 9OH E . -4.70 -7.38 -10.94
C2 9OH E . -5.90 -6.56 -10.51
C3 9OH E . -5.77 -5.95 -9.10
C4 9OH E . -5.96 -4.42 -9.11
C5 9OH E . -6.95 -3.95 -8.02
C6 9OH E . -6.33 -4.00 -6.61
C7 9OH E . -7.34 -3.61 -5.52
C8 9OH E . -7.01 -2.22 -4.90
C9 9OH E . -7.01 -2.16 -3.35
C10 9OH E . -6.17 -0.97 -2.89
C11 9OH E . -6.43 0.31 -3.17
C12 9OH E . -5.57 1.45 -2.69
C13 9OH E . -4.87 2.28 -3.72
C14 9OH E . -5.18 3.79 -3.75
C15 9OH E . -5.60 4.26 -5.15
C16 9OH E . -5.94 5.76 -5.17
C17 9OH E . -5.06 6.55 -6.16
C18 9OH E . -5.08 8.06 -5.87
O19 9OH E . -4.30 -8.39 -10.36
O20 9OH E . -4.09 -6.89 -12.05
O21 9OH E . -8.42 -1.93 -3.11
O22 9OH E . -4.08 1.58 -2.71
C1 11O F . -4.56 -7.44 -12.37
C2 11O F . -5.49 -7.37 -11.16
C3 11O F . -4.99 -6.44 -10.04
C4 11O F . -5.96 -5.29 -9.76
C5 11O F . -6.13 -5.02 -8.25
C6 11O F . -6.50 -3.55 -7.96
C7 11O F . -7.38 -3.41 -6.71
C8 11O F . -7.01 -2.18 -5.86
C9 11O F . -7.75 -2.12 -4.55
C10 11O F . -7.43 -1.39 -3.48
C11 11O F . -6.16 -0.60 -3.24
C12 11O F . -6.52 0.88 -2.96
C13 11O F . -5.47 1.85 -3.45
C14 11O F . -5.83 3.35 -3.58
C15 11O F . -4.96 4.07 -4.62
C16 11O F . -5.03 5.60 -4.48
C17 11O F . -4.60 6.33 -5.76
C18 11O F . -4.77 7.85 -5.65
O19 11O F . -4.04 -8.46 -12.78
O20 11O F . -4.40 -6.23 -12.97
O21 11O F . -5.50 -1.15 -2.08
O22 11O F . -5.49 1.41 -2.07
#